data_2DK1
#
_entry.id   2DK1
#
_entity_poly.entity_id   1
_entity_poly.type   'polypeptide(L)'
_entity_poly.pdbx_seq_one_letter_code
;GSSGSSGRWVEGITSEGYHYYYDLISGASQWEKPEGFQGDLKKTSGPSSG
;
_entity_poly.pdbx_strand_id   A
#
# COMPACT_ATOMS: atom_id res chain seq x y z
N GLY A 1 -10.53 16.29 -8.09
CA GLY A 1 -10.90 17.69 -7.98
C GLY A 1 -9.67 18.58 -8.08
N SER A 2 -9.04 18.80 -6.93
CA SER A 2 -7.85 19.63 -6.88
C SER A 2 -6.60 18.76 -6.67
N SER A 3 -6.60 18.02 -5.56
CA SER A 3 -5.49 17.14 -5.25
C SER A 3 -6.01 15.77 -4.84
N GLY A 4 -5.13 14.78 -4.96
CA GLY A 4 -5.49 13.41 -4.61
C GLY A 4 -5.59 13.24 -3.09
N SER A 5 -6.70 12.67 -2.67
CA SER A 5 -6.93 12.44 -1.25
C SER A 5 -6.48 11.03 -0.87
N SER A 6 -6.01 10.91 0.36
CA SER A 6 -5.54 9.63 0.86
C SER A 6 -4.28 9.20 0.11
N GLY A 7 -3.57 8.26 0.70
CA GLY A 7 -2.34 7.75 0.10
C GLY A 7 -2.65 6.60 -0.86
N ARG A 8 -1.74 6.41 -1.81
CA ARG A 8 -1.90 5.37 -2.80
C ARG A 8 -0.59 4.57 -2.95
N TRP A 9 -0.57 3.41 -2.31
CA TRP A 9 0.61 2.56 -2.37
C TRP A 9 0.14 1.12 -2.57
N VAL A 10 1.05 0.29 -3.06
CA VAL A 10 0.75 -1.11 -3.30
C VAL A 10 1.95 -1.97 -2.90
N GLU A 11 1.65 -3.08 -2.25
CA GLU A 11 2.70 -3.98 -1.81
C GLU A 11 3.02 -4.99 -2.92
N GLY A 12 4.31 -5.04 -3.25
CA GLY A 12 4.76 -5.95 -4.30
C GLY A 12 6.04 -6.68 -3.85
N ILE A 13 6.93 -6.86 -4.82
CA ILE A 13 8.19 -7.54 -4.54
C ILE A 13 9.28 -6.95 -5.44
N THR A 14 10.52 -7.07 -4.97
CA THR A 14 11.65 -6.56 -5.72
C THR A 14 12.73 -7.64 -5.85
N SER A 15 13.90 -7.21 -6.31
CA SER A 15 15.01 -8.13 -6.48
C SER A 15 15.10 -9.09 -5.29
N GLU A 16 15.27 -10.36 -5.60
CA GLU A 16 15.37 -11.38 -4.58
C GLU A 16 13.98 -11.84 -4.14
N GLY A 17 13.27 -10.92 -3.48
CA GLY A 17 11.93 -11.22 -3.01
C GLY A 17 11.58 -10.37 -1.79
N TYR A 18 11.93 -9.09 -1.87
CA TYR A 18 11.65 -8.18 -0.79
C TYR A 18 10.31 -7.48 -0.99
N HIS A 19 9.48 -7.56 0.05
CA HIS A 19 8.16 -6.94 0.00
C HIS A 19 8.30 -5.43 0.14
N TYR A 20 8.11 -4.74 -0.98
CA TYR A 20 8.21 -3.29 -1.00
C TYR A 20 6.87 -2.65 -1.40
N TYR A 21 6.80 -1.35 -1.18
CA TYR A 21 5.59 -0.61 -1.51
C TYR A 21 5.87 0.47 -2.56
N TYR A 22 5.10 0.42 -3.64
CA TYR A 22 5.26 1.38 -4.72
C TYR A 22 4.19 2.47 -4.64
N ASP A 23 4.45 3.56 -5.33
CA ASP A 23 3.52 4.68 -5.36
C ASP A 23 3.00 4.87 -6.78
N LEU A 24 1.68 4.91 -6.89
CA LEU A 24 1.04 5.09 -8.18
C LEU A 24 0.81 6.59 -8.44
N ILE A 25 0.66 7.32 -7.34
CA ILE A 25 0.45 8.76 -7.43
C ILE A 25 1.29 9.33 -8.58
N SER A 26 2.60 9.27 -8.40
CA SER A 26 3.52 9.77 -9.41
C SER A 26 4.46 8.65 -9.86
N GLY A 27 4.86 7.84 -8.91
CA GLY A 27 5.76 6.73 -9.19
C GLY A 27 6.94 6.73 -8.22
N ALA A 28 6.61 6.75 -6.93
CA ALA A 28 7.64 6.74 -5.91
C ALA A 28 7.83 5.32 -5.39
N SER A 29 8.83 5.16 -4.54
CA SER A 29 9.13 3.86 -3.96
C SER A 29 9.76 4.02 -2.58
N GLN A 30 9.52 3.02 -1.73
CA GLN A 30 10.06 3.06 -0.38
C GLN A 30 10.00 1.65 0.24
N TRP A 31 10.99 1.36 1.06
CA TRP A 31 11.06 0.07 1.72
C TRP A 31 10.07 0.09 2.90
N GLU A 32 10.29 1.04 3.80
CA GLU A 32 9.43 1.17 4.96
C GLU A 32 7.96 1.22 4.53
N LYS A 33 7.08 1.06 5.52
CA LYS A 33 5.65 1.07 5.26
C LYS A 33 5.15 2.51 5.30
N PRO A 34 4.28 2.84 4.30
CA PRO A 34 3.73 4.18 4.21
C PRO A 34 2.64 4.39 5.27
N GLU A 35 2.35 5.66 5.51
CA GLU A 35 1.34 6.03 6.50
C GLU A 35 -0.01 5.43 6.11
N GLY A 36 -0.65 4.81 7.10
CA GLY A 36 -1.95 4.19 6.86
C GLY A 36 -2.01 3.53 5.49
N PHE A 37 -1.10 2.59 5.28
CA PHE A 37 -1.04 1.87 4.02
C PHE A 37 -2.26 0.97 3.83
N GLN A 38 -2.49 0.14 4.84
CA GLN A 38 -3.62 -0.78 4.80
C GLN A 38 -3.77 -1.39 3.41
N GLY A 39 -3.03 -2.45 3.18
CA GLY A 39 -3.06 -3.14 1.90
C GLY A 39 -2.62 -4.59 2.03
N ASP A 40 -3.53 -5.41 2.55
CA ASP A 40 -3.24 -6.82 2.74
C ASP A 40 -4.45 -7.49 3.40
N LEU A 41 -5.28 -8.10 2.57
CA LEU A 41 -6.47 -8.77 3.06
C LEU A 41 -6.86 -9.89 2.07
N LYS A 42 -7.31 -11.00 2.63
CA LYS A 42 -7.71 -12.13 1.82
C LYS A 42 -6.62 -12.45 0.79
N LYS A 43 -5.49 -12.91 1.30
CA LYS A 43 -4.36 -13.24 0.44
C LYS A 43 -4.69 -14.51 -0.34
N THR A 44 -4.68 -14.36 -1.66
CA THR A 44 -4.98 -15.48 -2.54
C THR A 44 -6.30 -16.13 -2.15
N SER A 45 -7.38 -15.39 -2.37
CA SER A 45 -8.71 -15.89 -2.04
C SER A 45 -9.73 -15.35 -3.05
N GLY A 46 -10.87 -16.02 -3.10
CA GLY A 46 -11.93 -15.63 -4.01
C GLY A 46 -11.56 -15.98 -5.46
N PRO A 47 -12.25 -15.30 -6.41
CA PRO A 47 -12.01 -15.52 -7.82
C PRO A 47 -10.70 -14.87 -8.26
N SER A 48 -10.47 -13.66 -7.77
CA SER A 48 -9.27 -12.93 -8.10
C SER A 48 -8.08 -13.47 -7.30
N SER A 49 -7.18 -14.13 -8.02
CA SER A 49 -6.00 -14.71 -7.39
C SER A 49 -4.85 -13.70 -7.41
N GLY A 50 -3.94 -13.86 -6.46
CA GLY A 50 -2.79 -12.98 -6.36
C GLY A 50 -3.19 -11.54 -6.65
N GLY A 1 -12.17 3.29 1.47
CA GLY A 1 -11.01 4.17 1.52
C GLY A 1 -11.40 5.56 2.06
N SER A 2 -10.65 6.56 1.62
CA SER A 2 -10.90 7.93 2.04
C SER A 2 -10.51 8.90 0.93
N SER A 3 -11.35 9.91 0.75
CA SER A 3 -11.09 10.92 -0.27
C SER A 3 -10.65 12.23 0.38
N GLY A 4 -9.64 12.84 -0.21
CA GLY A 4 -9.11 14.09 0.30
C GLY A 4 -7.64 13.96 0.66
N SER A 5 -7.37 13.26 1.75
CA SER A 5 -6.01 13.05 2.20
C SER A 5 -5.76 11.55 2.45
N SER A 6 -5.47 10.85 1.38
CA SER A 6 -5.22 9.42 1.47
C SER A 6 -4.04 9.05 0.57
N GLY A 7 -3.19 8.16 1.09
CA GLY A 7 -2.02 7.72 0.35
C GLY A 7 -2.39 6.59 -0.62
N ARG A 8 -1.58 6.46 -1.66
CA ARG A 8 -1.80 5.43 -2.66
C ARG A 8 -0.52 4.62 -2.87
N TRP A 9 -0.50 3.44 -2.28
CA TRP A 9 0.64 2.56 -2.41
C TRP A 9 0.13 1.14 -2.65
N VAL A 10 1.05 0.26 -3.02
CA VAL A 10 0.71 -1.12 -3.28
C VAL A 10 1.89 -2.02 -2.90
N GLU A 11 1.59 -3.10 -2.21
CA GLU A 11 2.61 -4.04 -1.79
C GLU A 11 2.90 -5.05 -2.92
N GLY A 12 4.17 -5.10 -3.31
CA GLY A 12 4.59 -6.00 -4.37
C GLY A 12 5.85 -6.76 -3.96
N ILE A 13 6.73 -6.94 -4.94
CA ILE A 13 7.98 -7.65 -4.70
C ILE A 13 9.06 -7.09 -5.63
N THR A 14 10.30 -7.24 -5.20
CA THR A 14 11.43 -6.77 -5.97
C THR A 14 12.47 -7.88 -6.15
N SER A 15 13.64 -7.48 -6.62
CA SER A 15 14.72 -8.42 -6.83
C SER A 15 14.81 -9.39 -5.65
N GLU A 16 14.98 -10.66 -5.98
CA GLU A 16 15.08 -11.69 -4.96
C GLU A 16 13.68 -12.12 -4.49
N GLY A 17 13.01 -11.20 -3.82
CA GLY A 17 11.68 -11.46 -3.32
C GLY A 17 11.38 -10.61 -2.09
N TYR A 18 11.75 -9.34 -2.16
CA TYR A 18 11.54 -8.42 -1.06
C TYR A 18 10.21 -7.67 -1.22
N HIS A 19 9.41 -7.72 -0.18
CA HIS A 19 8.12 -7.05 -0.18
C HIS A 19 8.32 -5.55 -0.04
N TYR A 20 8.10 -4.84 -1.14
CA TYR A 20 8.26 -3.39 -1.14
C TYR A 20 6.93 -2.71 -1.45
N TYR A 21 6.92 -1.39 -1.27
CA TYR A 21 5.73 -0.60 -1.53
C TYR A 21 5.99 0.46 -2.60
N TYR A 22 5.13 0.46 -3.60
CA TYR A 22 5.24 1.42 -4.69
C TYR A 22 4.22 2.55 -4.56
N ASP A 23 4.40 3.57 -5.37
CA ASP A 23 3.50 4.71 -5.36
C ASP A 23 2.98 4.96 -6.77
N LEU A 24 1.66 5.02 -6.88
CA LEU A 24 1.02 5.25 -8.16
C LEU A 24 0.82 6.76 -8.37
N ILE A 25 0.69 7.46 -7.25
CA ILE A 25 0.49 8.90 -7.29
C ILE A 25 1.34 9.49 -8.42
N SER A 26 2.65 9.41 -8.24
CA SER A 26 3.57 9.94 -9.23
C SER A 26 4.49 8.83 -9.72
N GLY A 27 4.89 7.97 -8.78
CA GLY A 27 5.78 6.86 -9.11
C GLY A 27 6.97 6.82 -8.14
N ALA A 28 6.66 6.81 -6.87
CA ALA A 28 7.69 6.78 -5.84
C ALA A 28 7.83 5.35 -5.32
N SER A 29 8.89 5.14 -4.54
CA SER A 29 9.14 3.82 -3.97
C SER A 29 9.80 3.97 -2.60
N GLN A 30 9.46 3.06 -1.71
CA GLN A 30 10.02 3.07 -0.37
C GLN A 30 9.86 1.70 0.29
N TRP A 31 10.80 1.39 1.17
CA TRP A 31 10.78 0.12 1.88
C TRP A 31 9.81 0.24 3.05
N GLU A 32 10.10 1.21 3.92
CA GLU A 32 9.26 1.44 5.08
C GLU A 32 7.79 1.58 4.66
N LYS A 33 6.92 1.51 5.66
CA LYS A 33 5.49 1.63 5.41
C LYS A 33 5.08 3.10 5.56
N PRO A 34 4.45 3.64 4.48
CA PRO A 34 4.00 5.02 4.49
C PRO A 34 2.74 5.18 5.34
N GLU A 35 2.82 6.08 6.31
CA GLU A 35 1.70 6.33 7.20
C GLU A 35 0.40 6.45 6.40
N GLY A 36 -0.36 5.36 6.40
CA GLY A 36 -1.62 5.34 5.69
C GLY A 36 -1.87 3.96 5.07
N PHE A 37 -0.79 3.34 4.61
CA PHE A 37 -0.89 2.03 4.00
C PHE A 37 -1.62 1.05 4.91
N GLN A 38 -1.99 -0.09 4.34
CA GLN A 38 -2.71 -1.10 5.08
C GLN A 38 -2.37 -2.50 4.55
N GLY A 39 -2.68 -2.69 3.28
CA GLY A 39 -2.41 -3.97 2.62
C GLY A 39 -3.70 -4.76 2.43
N ASP A 40 -4.17 -5.37 3.50
CA ASP A 40 -5.39 -6.15 3.45
C ASP A 40 -6.40 -5.59 4.47
N LEU A 41 -7.34 -4.82 3.94
CA LEU A 41 -8.36 -4.21 4.77
C LEU A 41 -9.73 -4.76 4.38
N LYS A 42 -9.94 -4.84 3.07
CA LYS A 42 -11.20 -5.33 2.54
C LYS A 42 -11.15 -6.86 2.47
N LYS A 43 -12.25 -7.48 2.86
CA LYS A 43 -12.35 -8.93 2.85
C LYS A 43 -12.69 -9.40 1.44
N THR A 44 -11.82 -10.26 0.92
CA THR A 44 -12.02 -10.79 -0.43
C THR A 44 -13.28 -11.65 -0.48
N SER A 45 -14.25 -11.18 -1.24
CA SER A 45 -15.51 -11.89 -1.39
C SER A 45 -15.25 -13.34 -1.79
N GLY A 46 -15.51 -14.24 -0.85
CA GLY A 46 -15.31 -15.66 -1.10
C GLY A 46 -16.63 -16.36 -1.40
N PRO A 47 -17.44 -16.55 -0.32
CA PRO A 47 -18.73 -17.19 -0.46
C PRO A 47 -19.75 -16.26 -1.11
N SER A 48 -20.95 -16.79 -1.32
CA SER A 48 -22.02 -16.02 -1.94
C SER A 48 -23.33 -16.80 -1.86
N SER A 49 -23.31 -17.99 -2.44
CA SER A 49 -24.50 -18.83 -2.44
C SER A 49 -24.15 -20.23 -1.92
N GLY A 50 -23.19 -20.86 -2.60
CA GLY A 50 -22.76 -22.19 -2.21
C GLY A 50 -23.61 -23.27 -2.90
N GLY A 1 -18.68 1.08 -1.77
CA GLY A 1 -17.55 1.57 -1.00
C GLY A 1 -17.18 3.00 -1.41
N SER A 2 -16.51 3.68 -0.50
CA SER A 2 -16.10 5.06 -0.74
C SER A 2 -14.67 5.28 -0.22
N SER A 3 -13.90 6.01 -1.01
CA SER A 3 -12.52 6.31 -0.64
C SER A 3 -12.20 7.78 -0.94
N GLY A 4 -11.55 8.41 0.03
CA GLY A 4 -11.18 9.80 -0.13
C GLY A 4 -9.68 9.96 -0.39
N SER A 5 -9.11 11.02 0.15
CA SER A 5 -7.70 11.29 -0.02
C SER A 5 -6.92 10.84 1.21
N SER A 6 -5.92 10.00 0.98
CA SER A 6 -5.10 9.50 2.06
C SER A 6 -3.72 9.08 1.52
N GLY A 7 -3.74 8.19 0.56
CA GLY A 7 -2.51 7.70 -0.05
C GLY A 7 -2.79 6.56 -1.03
N ARG A 8 -1.87 6.41 -1.97
CA ARG A 8 -2.00 5.36 -2.98
C ARG A 8 -0.69 4.59 -3.12
N TRP A 9 -0.66 3.41 -2.50
CA TRP A 9 0.52 2.58 -2.55
C TRP A 9 0.07 1.13 -2.78
N VAL A 10 1.04 0.28 -3.05
CA VAL A 10 0.76 -1.13 -3.30
C VAL A 10 1.95 -1.98 -2.85
N GLU A 11 1.64 -3.09 -2.21
CA GLU A 11 2.67 -3.99 -1.73
C GLU A 11 2.97 -5.06 -2.78
N GLY A 12 4.26 -5.30 -2.98
CA GLY A 12 4.69 -6.30 -3.95
C GLY A 12 5.96 -7.01 -3.47
N ILE A 13 6.84 -7.26 -4.41
CA ILE A 13 8.10 -7.93 -4.10
C ILE A 13 9.20 -7.39 -5.01
N THR A 14 10.43 -7.51 -4.54
CA THR A 14 11.59 -7.05 -5.29
C THR A 14 12.41 -8.23 -5.79
N SER A 15 13.61 -7.92 -6.26
CA SER A 15 14.50 -8.94 -6.78
C SER A 15 14.53 -10.14 -5.82
N GLU A 16 15.45 -10.07 -4.87
CA GLU A 16 15.59 -11.13 -3.89
C GLU A 16 14.21 -11.69 -3.52
N GLY A 17 13.37 -10.83 -2.99
CA GLY A 17 12.04 -11.22 -2.58
C GLY A 17 11.58 -10.43 -1.35
N TYR A 18 11.84 -9.14 -1.38
CA TYR A 18 11.47 -8.28 -0.28
C TYR A 18 10.14 -7.57 -0.56
N HIS A 19 9.29 -7.55 0.45
CA HIS A 19 7.99 -6.91 0.33
C HIS A 19 8.15 -5.39 0.36
N TYR A 20 8.11 -4.80 -0.83
CA TYR A 20 8.26 -3.36 -0.95
C TYR A 20 6.93 -2.71 -1.32
N TYR A 21 6.90 -1.38 -1.22
CA TYR A 21 5.70 -0.63 -1.55
C TYR A 21 6.00 0.43 -2.60
N TYR A 22 5.11 0.51 -3.59
CA TYR A 22 5.26 1.47 -4.66
C TYR A 22 4.16 2.54 -4.60
N ASP A 23 4.39 3.62 -5.32
CA ASP A 23 3.44 4.72 -5.36
C ASP A 23 2.97 4.94 -6.80
N LEU A 24 1.65 4.97 -6.96
CA LEU A 24 1.06 5.16 -8.27
C LEU A 24 0.85 6.66 -8.51
N ILE A 25 0.65 7.38 -7.42
CA ILE A 25 0.43 8.82 -7.49
C ILE A 25 1.31 9.40 -8.59
N SER A 26 2.61 9.35 -8.35
CA SER A 26 3.58 9.88 -9.32
C SER A 26 4.54 8.77 -9.74
N GLY A 27 4.90 7.94 -8.78
CA GLY A 27 5.82 6.85 -9.05
C GLY A 27 6.95 6.81 -8.02
N ALA A 28 6.55 6.81 -6.75
CA ALA A 28 7.51 6.78 -5.66
C ALA A 28 7.65 5.35 -5.15
N SER A 29 8.74 5.12 -4.42
CA SER A 29 9.00 3.80 -3.88
C SER A 29 9.81 3.92 -2.59
N GLN A 30 9.56 3.01 -1.67
CA GLN A 30 10.26 3.00 -0.39
C GLN A 30 10.16 1.62 0.26
N TRP A 31 11.23 1.27 0.98
CA TRP A 31 11.27 -0.02 1.65
C TRP A 31 10.29 0.02 2.82
N GLU A 32 10.37 1.10 3.59
CA GLU A 32 9.50 1.27 4.74
C GLU A 32 8.05 1.43 4.28
N LYS A 33 7.15 1.34 5.24
CA LYS A 33 5.73 1.47 4.95
C LYS A 33 5.30 2.93 5.19
N PRO A 34 4.43 3.42 4.26
CA PRO A 34 3.94 4.78 4.36
C PRO A 34 2.89 4.91 5.47
N GLU A 35 2.84 6.10 6.05
CA GLU A 35 1.89 6.37 7.12
C GLU A 35 0.57 5.66 6.84
N GLY A 36 -0.22 6.27 5.96
CA GLY A 36 -1.51 5.70 5.60
C GLY A 36 -1.42 4.89 4.31
N PHE A 37 -0.91 3.67 4.45
CA PHE A 37 -0.77 2.79 3.32
C PHE A 37 -2.04 1.98 3.07
N GLN A 38 -2.30 1.04 3.96
CA GLN A 38 -3.48 0.20 3.85
C GLN A 38 -3.38 -0.71 2.63
N GLY A 39 -3.46 -0.08 1.46
CA GLY A 39 -3.38 -0.82 0.21
C GLY A 39 -4.77 -1.14 -0.33
N ASP A 40 -5.14 -2.41 -0.23
CA ASP A 40 -6.44 -2.85 -0.71
C ASP A 40 -7.53 -2.20 0.15
N LEU A 41 -8.23 -1.26 -0.45
CA LEU A 41 -9.30 -0.56 0.23
C LEU A 41 -10.49 -0.39 -0.71
N LYS A 42 -10.23 0.30 -1.81
CA LYS A 42 -11.28 0.53 -2.81
C LYS A 42 -10.74 0.17 -4.18
N LYS A 43 -9.71 0.89 -4.60
CA LYS A 43 -9.09 0.65 -5.89
C LYS A 43 -8.34 -0.68 -5.86
N THR A 44 -8.71 -1.57 -6.77
CA THR A 44 -8.08 -2.87 -6.85
C THR A 44 -7.67 -3.17 -8.29
N SER A 45 -6.60 -3.96 -8.42
CA SER A 45 -6.09 -4.32 -9.73
C SER A 45 -5.77 -5.83 -9.76
N GLY A 46 -6.82 -6.62 -9.86
CA GLY A 46 -6.67 -8.07 -9.90
C GLY A 46 -7.91 -8.76 -9.35
N PRO A 47 -7.77 -10.09 -9.11
CA PRO A 47 -8.87 -10.89 -8.59
C PRO A 47 -9.08 -10.61 -7.10
N SER A 48 -10.23 -10.02 -6.80
CA SER A 48 -10.56 -9.70 -5.42
C SER A 48 -12.03 -9.28 -5.32
N SER A 49 -12.63 -9.60 -4.18
CA SER A 49 -14.02 -9.28 -3.95
C SER A 49 -14.22 -8.82 -2.50
N GLY A 50 -14.67 -7.59 -2.35
CA GLY A 50 -14.91 -7.03 -1.03
C GLY A 50 -15.56 -8.07 -0.11
N GLY A 1 -5.87 11.40 7.21
CA GLY A 1 -6.94 11.00 8.11
C GLY A 1 -7.75 9.86 7.52
N SER A 2 -9.05 9.86 7.83
CA SER A 2 -9.94 8.83 7.34
C SER A 2 -10.24 9.07 5.86
N SER A 3 -10.81 10.22 5.59
CA SER A 3 -11.16 10.57 4.22
C SER A 3 -10.45 11.87 3.82
N GLY A 4 -10.49 12.15 2.52
CA GLY A 4 -9.86 13.36 2.00
C GLY A 4 -8.63 13.01 1.17
N SER A 5 -7.47 13.40 1.69
CA SER A 5 -6.21 13.13 1.00
C SER A 5 -5.56 11.88 1.59
N SER A 6 -5.82 10.76 0.93
CA SER A 6 -5.27 9.49 1.38
C SER A 6 -4.05 9.13 0.51
N GLY A 7 -3.28 8.17 1.01
CA GLY A 7 -2.10 7.72 0.29
C GLY A 7 -2.44 6.57 -0.65
N ARG A 8 -1.63 6.46 -1.70
CA ARG A 8 -1.83 5.42 -2.69
C ARG A 8 -0.54 4.61 -2.88
N TRP A 9 -0.53 3.43 -2.27
CA TRP A 9 0.64 2.56 -2.37
C TRP A 9 0.13 1.13 -2.59
N VAL A 10 1.05 0.29 -3.06
CA VAL A 10 0.70 -1.10 -3.32
C VAL A 10 1.91 -1.98 -2.97
N GLU A 11 1.63 -3.03 -2.21
CA GLU A 11 2.68 -3.96 -1.81
C GLU A 11 2.91 -5.00 -2.90
N GLY A 12 4.18 -5.18 -3.24
CA GLY A 12 4.55 -6.15 -4.27
C GLY A 12 5.82 -6.89 -3.89
N ILE A 13 6.72 -7.01 -4.86
CA ILE A 13 7.99 -7.69 -4.64
C ILE A 13 9.06 -7.05 -5.54
N THR A 14 10.30 -7.20 -5.12
CA THR A 14 11.42 -6.66 -5.86
C THR A 14 12.21 -7.79 -6.52
N SER A 15 13.39 -7.43 -7.01
CA SER A 15 14.25 -8.40 -7.67
C SER A 15 14.35 -9.67 -6.83
N GLU A 16 15.28 -9.66 -5.89
CA GLU A 16 15.48 -10.81 -5.02
C GLU A 16 14.13 -11.43 -4.65
N GLY A 17 13.30 -10.62 -4.00
CA GLY A 17 11.99 -11.09 -3.59
C GLY A 17 11.58 -10.44 -2.27
N TYR A 18 11.82 -9.14 -2.18
CA TYR A 18 11.48 -8.39 -0.99
C TYR A 18 10.14 -7.65 -1.16
N HIS A 19 9.33 -7.72 -0.12
CA HIS A 19 8.03 -7.06 -0.15
C HIS A 19 8.22 -5.55 0.00
N TYR A 20 8.10 -4.86 -1.12
CA TYR A 20 8.25 -3.41 -1.13
C TYR A 20 6.93 -2.72 -1.48
N TYR A 21 6.89 -1.42 -1.23
CA TYR A 21 5.70 -0.64 -1.51
C TYR A 21 5.98 0.42 -2.59
N TYR A 22 5.13 0.43 -3.59
CA TYR A 22 5.27 1.39 -4.68
C TYR A 22 4.22 2.50 -4.59
N ASP A 23 4.45 3.56 -5.33
CA ASP A 23 3.54 4.69 -5.35
C ASP A 23 3.02 4.90 -6.77
N LEU A 24 1.69 4.93 -6.87
CA LEU A 24 1.06 5.13 -8.16
C LEU A 24 0.84 6.62 -8.40
N ILE A 25 0.69 7.36 -7.30
CA ILE A 25 0.48 8.79 -7.38
C ILE A 25 1.31 9.37 -8.54
N SER A 26 2.62 9.30 -8.37
CA SER A 26 3.53 9.81 -9.38
C SER A 26 4.47 8.69 -9.85
N GLY A 27 4.86 7.86 -8.90
CA GLY A 27 5.75 6.76 -9.20
C GLY A 27 6.94 6.73 -8.24
N ALA A 28 6.62 6.73 -6.95
CA ALA A 28 7.64 6.71 -5.93
C ALA A 28 7.78 5.29 -5.38
N SER A 29 8.81 5.09 -4.58
CA SER A 29 9.06 3.79 -3.98
C SER A 29 9.75 3.95 -2.63
N GLN A 30 9.42 3.05 -1.72
CA GLN A 30 10.00 3.08 -0.38
C GLN A 30 9.84 1.72 0.31
N TRP A 31 10.83 1.40 1.13
CA TRP A 31 10.80 0.14 1.85
C TRP A 31 9.83 0.27 3.02
N GLU A 32 10.06 1.30 3.82
CA GLU A 32 9.21 1.55 4.97
C GLU A 32 7.75 1.71 4.53
N LYS A 33 6.86 1.75 5.52
CA LYS A 33 5.44 1.89 5.24
C LYS A 33 5.03 3.35 5.46
N PRO A 34 4.49 3.95 4.37
CA PRO A 34 4.05 5.34 4.43
C PRO A 34 2.74 5.47 5.20
N GLU A 35 2.77 6.30 6.23
CA GLU A 35 1.59 6.52 7.06
C GLU A 35 0.34 6.56 6.19
N GLY A 36 -0.49 5.54 6.35
CA GLY A 36 -1.72 5.46 5.59
C GLY A 36 -1.95 4.04 5.06
N PHE A 37 -0.90 3.52 4.42
CA PHE A 37 -0.96 2.18 3.86
C PHE A 37 -1.53 1.18 4.87
N GLN A 38 -2.01 0.06 4.35
CA GLN A 38 -2.59 -0.97 5.20
C GLN A 38 -2.51 -2.32 4.50
N GLY A 39 -1.74 -3.23 5.09
CA GLY A 39 -1.58 -4.56 4.53
C GLY A 39 -1.55 -5.61 5.64
N ASP A 40 -2.03 -6.80 5.30
CA ASP A 40 -2.07 -7.90 6.25
C ASP A 40 -3.12 -7.61 7.33
N LEU A 41 -3.77 -8.67 7.77
CA LEU A 41 -4.80 -8.54 8.79
C LEU A 41 -5.94 -7.68 8.25
N LYS A 42 -7.16 -8.07 8.62
CA LYS A 42 -8.34 -7.35 8.19
C LYS A 42 -8.37 -7.30 6.66
N LYS A 43 -9.52 -6.91 6.13
CA LYS A 43 -9.69 -6.82 4.69
C LYS A 43 -8.71 -5.79 4.12
N THR A 44 -7.75 -6.29 3.37
CA THR A 44 -6.74 -5.42 2.77
C THR A 44 -7.40 -4.18 2.17
N SER A 45 -8.32 -4.42 1.25
CA SER A 45 -9.02 -3.33 0.59
C SER A 45 -9.90 -3.88 -0.53
N GLY A 46 -11.17 -4.09 -0.20
CA GLY A 46 -12.13 -4.60 -1.16
C GLY A 46 -12.62 -3.49 -2.09
N PRO A 47 -13.64 -2.74 -1.58
CA PRO A 47 -14.22 -1.65 -2.35
C PRO A 47 -13.28 -0.44 -2.38
N SER A 48 -13.02 0.04 -3.58
CA SER A 48 -12.15 1.19 -3.77
C SER A 48 -12.62 2.03 -4.95
N SER A 49 -12.59 3.34 -4.75
CA SER A 49 -13.02 4.27 -5.78
C SER A 49 -11.82 5.09 -6.28
N GLY A 50 -12.06 5.84 -7.34
CA GLY A 50 -11.02 6.67 -7.92
C GLY A 50 -10.00 5.82 -8.68
N GLY A 1 -12.14 8.38 16.00
CA GLY A 1 -11.99 7.09 15.36
C GLY A 1 -10.51 6.75 15.17
N SER A 2 -10.18 6.34 13.95
CA SER A 2 -8.81 5.98 13.62
C SER A 2 -8.12 7.15 12.90
N SER A 3 -6.80 7.16 13.00
CA SER A 3 -6.01 8.21 12.37
C SER A 3 -5.91 7.95 10.87
N GLY A 4 -6.80 8.58 10.12
CA GLY A 4 -6.82 8.42 8.68
C GLY A 4 -5.50 8.92 8.06
N SER A 5 -5.36 8.65 6.77
CA SER A 5 -4.17 9.05 6.05
C SER A 5 -4.33 8.75 4.56
N SER A 6 -4.49 9.80 3.78
CA SER A 6 -4.65 9.66 2.35
C SER A 6 -3.32 9.26 1.71
N GLY A 7 -3.38 8.21 0.89
CA GLY A 7 -2.19 7.72 0.21
C GLY A 7 -2.53 6.59 -0.75
N ARG A 8 -1.68 6.44 -1.75
CA ARG A 8 -1.89 5.40 -2.75
C ARG A 8 -0.60 4.60 -2.96
N TRP A 9 -0.57 3.42 -2.35
CA TRP A 9 0.59 2.55 -2.46
C TRP A 9 0.10 1.12 -2.70
N VAL A 10 1.04 0.25 -3.02
CA VAL A 10 0.72 -1.14 -3.27
C VAL A 10 1.91 -2.02 -2.88
N GLU A 11 1.61 -3.12 -2.21
CA GLU A 11 2.63 -4.04 -1.78
C GLU A 11 2.92 -5.07 -2.88
N GLY A 12 4.20 -5.16 -3.24
CA GLY A 12 4.62 -6.10 -4.27
C GLY A 12 5.88 -6.83 -3.86
N ILE A 13 6.79 -6.99 -4.82
CA ILE A 13 8.05 -7.68 -4.57
C ILE A 13 9.13 -7.10 -5.48
N THR A 14 10.37 -7.25 -5.04
CA THR A 14 11.50 -6.75 -5.81
C THR A 14 12.25 -7.91 -6.46
N SER A 15 13.44 -7.60 -6.96
CA SER A 15 14.27 -8.60 -7.61
C SER A 15 14.37 -9.85 -6.73
N GLU A 16 15.29 -9.78 -5.79
CA GLU A 16 15.49 -10.89 -4.87
C GLU A 16 14.15 -11.48 -4.44
N GLY A 17 13.33 -10.64 -3.82
CA GLY A 17 12.03 -11.06 -3.36
C GLY A 17 11.64 -10.32 -2.08
N TYR A 18 11.90 -9.02 -2.08
CA TYR A 18 11.57 -8.20 -0.92
C TYR A 18 10.24 -7.48 -1.10
N HIS A 19 9.43 -7.51 -0.06
CA HIS A 19 8.13 -6.87 -0.09
C HIS A 19 8.30 -5.36 0.00
N TYR A 20 8.17 -4.71 -1.15
CA TYR A 20 8.30 -3.27 -1.21
C TYR A 20 6.96 -2.61 -1.57
N TYR A 21 6.87 -1.32 -1.25
CA TYR A 21 5.66 -0.57 -1.53
C TYR A 21 5.91 0.50 -2.58
N TYR A 22 5.10 0.46 -3.64
CA TYR A 22 5.23 1.43 -4.72
C TYR A 22 4.19 2.53 -4.59
N ASP A 23 4.38 3.57 -5.38
CA ASP A 23 3.46 4.71 -5.37
C ASP A 23 2.95 4.95 -6.80
N LEU A 24 1.63 5.00 -6.91
CA LEU A 24 1.01 5.23 -8.20
C LEU A 24 0.81 6.73 -8.41
N ILE A 25 0.65 7.44 -7.30
CA ILE A 25 0.46 8.88 -7.35
C ILE A 25 1.31 9.47 -8.47
N SER A 26 2.63 9.40 -8.26
CA SER A 26 3.56 9.92 -9.25
C SER A 26 4.50 8.81 -9.72
N GLY A 27 4.89 7.96 -8.77
CA GLY A 27 5.78 6.87 -9.07
C GLY A 27 6.97 6.84 -8.10
N ALA A 28 6.63 6.83 -6.82
CA ALA A 28 7.65 6.79 -5.79
C ALA A 28 7.80 5.36 -5.26
N SER A 29 8.85 5.16 -4.47
CA SER A 29 9.11 3.84 -3.90
C SER A 29 9.82 4.00 -2.56
N GLN A 30 9.58 3.03 -1.68
CA GLN A 30 10.19 3.05 -0.36
C GLN A 30 10.09 1.66 0.29
N TRP A 31 11.07 1.36 1.12
CA TRP A 31 11.09 0.08 1.82
C TRP A 31 10.13 0.17 2.99
N GLU A 32 10.31 1.19 3.80
CA GLU A 32 9.45 1.39 4.97
C GLU A 32 8.00 1.56 4.54
N LYS A 33 7.12 1.55 5.53
CA LYS A 33 5.70 1.71 5.27
C LYS A 33 5.32 3.18 5.39
N PRO A 34 4.62 3.68 4.34
CA PRO A 34 4.19 5.07 4.31
C PRO A 34 3.00 5.29 5.25
N GLU A 35 2.99 6.46 5.87
CA GLU A 35 1.92 6.81 6.79
C GLU A 35 0.58 6.82 6.06
N GLY A 36 -0.11 5.68 6.13
CA GLY A 36 -1.40 5.54 5.49
C GLY A 36 -1.67 4.08 5.10
N PHE A 37 -0.69 3.50 4.41
CA PHE A 37 -0.81 2.12 3.98
C PHE A 37 -1.51 1.26 5.03
N GLN A 38 -2.10 0.18 4.57
CA GLN A 38 -2.81 -0.73 5.47
C GLN A 38 -2.13 -2.10 5.48
N GLY A 39 -2.20 -2.76 4.34
CA GLY A 39 -1.58 -4.08 4.21
C GLY A 39 -2.63 -5.12 3.79
N ASP A 40 -3.36 -5.62 4.78
CA ASP A 40 -4.39 -6.61 4.52
C ASP A 40 -5.27 -6.14 3.36
N LEU A 41 -5.11 -6.81 2.22
CA LEU A 41 -5.88 -6.47 1.05
C LEU A 41 -7.37 -6.62 1.36
N LYS A 42 -8.06 -5.49 1.35
CA LYS A 42 -9.48 -5.48 1.63
C LYS A 42 -9.72 -5.92 3.08
N LYS A 43 -10.61 -5.20 3.75
CA LYS A 43 -10.93 -5.51 5.14
C LYS A 43 -12.04 -6.56 5.17
N THR A 44 -11.78 -7.61 5.93
CA THR A 44 -12.74 -8.69 6.06
C THR A 44 -14.10 -8.15 6.51
N SER A 45 -14.04 -7.04 7.23
CA SER A 45 -15.25 -6.41 7.74
C SER A 45 -16.12 -5.95 6.57
N GLY A 46 -15.54 -5.12 5.73
CA GLY A 46 -16.25 -4.60 4.57
C GLY A 46 -15.28 -4.28 3.43
N PRO A 47 -15.19 -5.25 2.48
CA PRO A 47 -14.31 -5.09 1.33
C PRO A 47 -14.91 -4.11 0.32
N SER A 48 -15.14 -2.90 0.79
CA SER A 48 -15.70 -1.86 -0.06
C SER A 48 -17.08 -2.30 -0.58
N SER A 49 -17.85 -1.31 -1.00
CA SER A 49 -19.19 -1.58 -1.52
C SER A 49 -19.54 -0.57 -2.60
N GLY A 50 -20.36 -1.02 -3.55
CA GLY A 50 -20.77 -0.16 -4.65
C GLY A 50 -21.75 0.91 -4.17
N GLY A 1 -9.68 -0.37 9.03
CA GLY A 1 -10.39 0.83 8.64
C GLY A 1 -10.70 0.83 7.14
N SER A 2 -11.79 1.49 6.79
CA SER A 2 -12.19 1.56 5.39
C SER A 2 -12.13 3.02 4.90
N SER A 3 -12.86 3.87 5.60
CA SER A 3 -12.89 5.28 5.25
C SER A 3 -11.77 6.03 5.98
N GLY A 4 -10.68 6.27 5.26
CA GLY A 4 -9.55 6.97 5.82
C GLY A 4 -8.26 6.59 5.09
N SER A 5 -8.24 6.90 3.80
CA SER A 5 -7.08 6.60 2.98
C SER A 5 -6.91 7.67 1.91
N SER A 6 -5.81 8.42 2.02
CA SER A 6 -5.52 9.48 1.07
C SER A 6 -4.32 9.10 0.21
N GLY A 7 -3.46 8.27 0.80
CA GLY A 7 -2.26 7.83 0.10
C GLY A 7 -2.58 6.69 -0.87
N ARG A 8 -1.69 6.50 -1.83
CA ARG A 8 -1.87 5.45 -2.81
C ARG A 8 -0.57 4.65 -2.98
N TRP A 9 -0.56 3.47 -2.36
CA TRP A 9 0.60 2.62 -2.42
C TRP A 9 0.11 1.18 -2.63
N VAL A 10 1.05 0.30 -2.97
CA VAL A 10 0.73 -1.09 -3.21
C VAL A 10 1.93 -1.95 -2.83
N GLU A 11 1.62 -3.10 -2.24
CA GLU A 11 2.67 -4.03 -1.82
C GLU A 11 2.95 -5.04 -2.93
N GLY A 12 4.23 -5.16 -3.26
CA GLY A 12 4.65 -6.08 -4.31
C GLY A 12 5.89 -6.85 -3.88
N ILE A 13 6.79 -7.04 -4.84
CA ILE A 13 8.04 -7.76 -4.58
C ILE A 13 9.14 -7.21 -5.49
N THR A 14 10.37 -7.39 -5.04
CA THR A 14 11.52 -6.92 -5.80
C THR A 14 12.28 -8.11 -6.39
N SER A 15 13.48 -7.81 -6.87
CA SER A 15 14.32 -8.83 -7.47
C SER A 15 14.34 -10.08 -6.58
N GLU A 16 15.28 -10.09 -5.65
CA GLU A 16 15.42 -11.21 -4.74
C GLU A 16 14.04 -11.74 -4.35
N GLY A 17 13.25 -10.86 -3.73
CA GLY A 17 11.91 -11.23 -3.32
C GLY A 17 11.52 -10.49 -2.04
N TYR A 18 11.83 -9.20 -2.02
CA TYR A 18 11.52 -8.37 -0.87
C TYR A 18 10.19 -7.64 -1.07
N HIS A 19 9.38 -7.65 -0.01
CA HIS A 19 8.09 -6.99 -0.05
C HIS A 19 8.27 -5.47 0.03
N TYR A 20 8.15 -4.83 -1.12
CA TYR A 20 8.30 -3.39 -1.20
C TYR A 20 6.99 -2.71 -1.58
N TYR A 21 6.90 -1.43 -1.27
CA TYR A 21 5.71 -0.66 -1.57
C TYR A 21 5.99 0.39 -2.64
N TYR A 22 5.10 0.43 -3.63
CA TYR A 22 5.24 1.39 -4.72
C TYR A 22 4.19 2.50 -4.63
N ASP A 23 4.43 3.56 -5.38
CA ASP A 23 3.52 4.69 -5.39
C ASP A 23 2.99 4.90 -6.81
N LEU A 24 1.67 4.96 -6.91
CA LEU A 24 1.03 5.16 -8.21
C LEU A 24 0.84 6.66 -8.45
N ILE A 25 0.71 7.40 -7.34
CA ILE A 25 0.52 8.83 -7.42
C ILE A 25 1.36 9.39 -8.57
N SER A 26 2.68 9.31 -8.39
CA SER A 26 3.60 9.81 -9.39
C SER A 26 4.53 8.68 -9.85
N GLY A 27 4.92 7.86 -8.89
CA GLY A 27 5.81 6.74 -9.17
C GLY A 27 6.98 6.71 -8.20
N ALA A 28 6.64 6.78 -6.92
CA ALA A 28 7.66 6.75 -5.87
C ALA A 28 7.80 5.33 -5.33
N SER A 29 8.82 5.14 -4.52
CA SER A 29 9.08 3.83 -3.92
C SER A 29 9.75 3.99 -2.56
N GLN A 30 9.48 3.05 -1.69
CA GLN A 30 10.06 3.08 -0.35
C GLN A 30 9.92 1.71 0.32
N TRP A 31 10.87 1.40 1.19
CA TRP A 31 10.87 0.14 1.90
C TRP A 31 9.88 0.25 3.06
N GLU A 32 10.12 1.26 3.90
CA GLU A 32 9.27 1.49 5.05
C GLU A 32 7.81 1.61 4.61
N LYS A 33 6.92 1.51 5.59
CA LYS A 33 5.49 1.60 5.32
C LYS A 33 5.05 3.06 5.47
N PRO A 34 4.30 3.53 4.44
CA PRO A 34 3.80 4.90 4.45
C PRO A 34 2.64 5.06 5.42
N GLU A 35 2.56 6.23 6.04
CA GLU A 35 1.51 6.52 6.98
C GLU A 35 0.16 6.64 6.27
N GLY A 36 -0.22 5.56 5.61
CA GLY A 36 -1.48 5.53 4.88
C GLY A 36 -1.57 4.27 4.00
N PHE A 37 -1.10 3.17 4.56
CA PHE A 37 -1.13 1.90 3.84
C PHE A 37 -2.16 0.95 4.44
N GLN A 38 -2.38 -0.16 3.74
CA GLN A 38 -3.33 -1.16 4.20
C GLN A 38 -3.00 -2.52 3.59
N GLY A 39 -2.72 -2.50 2.29
CA GLY A 39 -2.40 -3.72 1.58
C GLY A 39 -3.59 -4.21 0.75
N ASP A 40 -3.52 -5.47 0.36
CA ASP A 40 -4.58 -6.07 -0.43
C ASP A 40 -5.42 -6.98 0.47
N LEU A 41 -6.71 -6.65 0.55
CA LEU A 41 -7.62 -7.44 1.36
C LEU A 41 -9.03 -7.37 0.75
N LYS A 42 -9.58 -6.17 0.77
CA LYS A 42 -10.92 -5.95 0.23
C LYS A 42 -10.88 -4.76 -0.73
N LYS A 43 -11.83 -4.76 -1.66
CA LYS A 43 -11.91 -3.69 -2.64
C LYS A 43 -10.69 -3.75 -3.56
N THR A 44 -10.67 -4.77 -4.39
CA THR A 44 -9.57 -4.95 -5.33
C THR A 44 -10.11 -5.20 -6.74
N SER A 45 -9.47 -4.53 -7.71
CA SER A 45 -9.87 -4.66 -9.09
C SER A 45 -8.77 -5.35 -9.90
N GLY A 46 -7.59 -4.73 -9.87
CA GLY A 46 -6.45 -5.27 -10.59
C GLY A 46 -5.48 -4.16 -10.98
N PRO A 47 -4.73 -4.41 -12.09
CA PRO A 47 -3.76 -3.45 -12.58
C PRO A 47 -4.44 -2.28 -13.28
N SER A 48 -3.71 -1.19 -13.39
CA SER A 48 -4.24 0.01 -14.04
C SER A 48 -3.47 0.28 -15.34
N SER A 49 -4.09 -0.11 -16.44
CA SER A 49 -3.47 0.09 -17.75
C SER A 49 -2.05 -0.47 -17.75
N GLY A 50 -1.94 -1.73 -18.11
CA GLY A 50 -0.65 -2.40 -18.17
C GLY A 50 -0.15 -2.72 -16.75
N GLY A 1 -10.98 2.93 15.53
CA GLY A 1 -11.12 4.31 15.97
C GLY A 1 -9.94 5.15 15.50
N SER A 2 -10.26 6.14 14.66
CA SER A 2 -9.23 7.02 14.13
C SER A 2 -8.27 6.23 13.23
N SER A 3 -8.35 6.52 11.94
CA SER A 3 -7.50 5.84 10.96
C SER A 3 -7.12 6.81 9.85
N GLY A 4 -8.15 7.34 9.19
CA GLY A 4 -7.94 8.27 8.10
C GLY A 4 -7.23 7.59 6.93
N SER A 5 -7.98 7.39 5.86
CA SER A 5 -7.43 6.75 4.67
C SER A 5 -6.89 7.81 3.70
N SER A 6 -5.58 7.80 3.55
CA SER A 6 -4.92 8.75 2.67
C SER A 6 -3.59 8.18 2.17
N GLY A 7 -3.49 8.06 0.85
CA GLY A 7 -2.28 7.54 0.25
C GLY A 7 -2.62 6.45 -0.78
N ARG A 8 -1.74 6.31 -1.76
CA ARG A 8 -1.93 5.32 -2.80
C ARG A 8 -0.64 4.52 -3.02
N TRP A 9 -0.62 3.32 -2.45
CA TRP A 9 0.53 2.46 -2.57
C TRP A 9 0.04 1.03 -2.84
N VAL A 10 0.98 0.16 -3.15
CA VAL A 10 0.65 -1.23 -3.43
C VAL A 10 1.81 -2.13 -2.98
N GLU A 11 1.48 -3.08 -2.11
CA GLU A 11 2.47 -4.00 -1.59
C GLU A 11 2.66 -5.17 -2.56
N GLY A 12 3.92 -5.45 -2.87
CA GLY A 12 4.24 -6.53 -3.78
C GLY A 12 5.50 -7.28 -3.31
N ILE A 13 6.34 -7.62 -4.27
CA ILE A 13 7.57 -8.33 -3.99
C ILE A 13 8.65 -7.93 -5.00
N THR A 14 9.90 -8.17 -4.62
CA THR A 14 11.01 -7.84 -5.49
C THR A 14 11.76 -9.10 -5.89
N SER A 15 12.94 -8.90 -6.47
CA SER A 15 13.76 -10.02 -6.90
C SER A 15 13.81 -11.08 -5.81
N GLU A 16 14.74 -10.91 -4.88
CA GLU A 16 14.91 -11.84 -3.79
C GLU A 16 13.54 -12.34 -3.31
N GLY A 17 12.73 -11.40 -2.86
CA GLY A 17 11.40 -11.73 -2.37
C GLY A 17 11.02 -10.87 -1.16
N TYR A 18 11.33 -9.58 -1.26
CA TYR A 18 11.03 -8.66 -0.19
C TYR A 18 9.75 -7.88 -0.48
N HIS A 19 8.95 -7.72 0.57
CA HIS A 19 7.69 -7.01 0.45
C HIS A 19 7.95 -5.50 0.41
N TYR A 20 8.00 -4.97 -0.80
CA TYR A 20 8.25 -3.56 -1.00
C TYR A 20 6.94 -2.80 -1.25
N TYR A 21 7.06 -1.49 -1.32
CA TYR A 21 5.89 -0.64 -1.56
C TYR A 21 6.17 0.37 -2.66
N TYR A 22 5.15 0.62 -3.47
CA TYR A 22 5.27 1.56 -4.57
C TYR A 22 4.21 2.66 -4.46
N ASP A 23 4.39 3.69 -5.28
CA ASP A 23 3.46 4.80 -5.29
C ASP A 23 2.96 5.03 -6.72
N LEU A 24 1.64 5.06 -6.86
CA LEU A 24 1.02 5.27 -8.15
C LEU A 24 0.81 6.77 -8.38
N ILE A 25 0.65 7.49 -7.27
CA ILE A 25 0.44 8.92 -7.34
C ILE A 25 1.29 9.51 -8.45
N SER A 26 2.60 9.45 -8.25
CA SER A 26 3.53 9.97 -9.24
C SER A 26 4.49 8.87 -9.70
N GLY A 27 4.87 8.02 -8.75
CA GLY A 27 5.77 6.92 -9.04
C GLY A 27 6.93 6.88 -8.05
N ALA A 28 6.57 6.86 -6.78
CA ALA A 28 7.58 6.83 -5.73
C ALA A 28 7.76 5.38 -5.25
N SER A 29 8.81 5.17 -4.48
CA SER A 29 9.10 3.85 -3.95
C SER A 29 9.85 3.97 -2.62
N GLN A 30 9.57 3.03 -1.74
CA GLN A 30 10.21 3.02 -0.43
C GLN A 30 10.04 1.65 0.23
N TRP A 31 11.02 1.30 1.06
CA TRP A 31 10.99 0.04 1.76
C TRP A 31 10.02 0.16 2.94
N GLU A 32 10.27 1.16 3.76
CA GLU A 32 9.43 1.40 4.93
C GLU A 32 7.98 1.62 4.50
N LYS A 33 7.10 1.64 5.48
CA LYS A 33 5.69 1.85 5.22
C LYS A 33 5.36 3.33 5.37
N PRO A 34 4.66 3.87 4.33
CA PRO A 34 4.28 5.28 4.33
C PRO A 34 3.11 5.52 5.28
N GLU A 35 3.04 6.74 5.78
CA GLU A 35 1.98 7.12 6.71
C GLU A 35 0.63 7.13 5.98
N GLY A 36 0.18 5.94 5.61
CA GLY A 36 -1.08 5.80 4.91
C GLY A 36 -1.47 4.31 4.77
N PHE A 37 -0.59 3.57 4.11
CA PHE A 37 -0.82 2.15 3.91
C PHE A 37 -1.41 1.50 5.17
N GLN A 38 -2.42 0.68 4.95
CA GLN A 38 -3.09 -0.01 6.05
C GLN A 38 -2.95 -1.53 5.89
N GLY A 39 -3.05 -1.97 4.64
CA GLY A 39 -2.93 -3.38 4.34
C GLY A 39 -4.31 -4.04 4.28
N ASP A 40 -5.10 -3.59 3.31
CA ASP A 40 -6.44 -4.12 3.13
C ASP A 40 -7.26 -3.88 4.40
N LEU A 41 -8.26 -3.02 4.27
CA LEU A 41 -9.13 -2.70 5.40
C LEU A 41 -10.29 -1.84 4.92
N LYS A 42 -11.50 -2.29 5.24
CA LYS A 42 -12.70 -1.58 4.84
C LYS A 42 -13.05 -1.93 3.40
N LYS A 43 -12.16 -1.54 2.49
CA LYS A 43 -12.36 -1.81 1.08
C LYS A 43 -13.75 -1.32 0.67
N THR A 44 -13.82 -0.04 0.36
CA THR A 44 -15.09 0.56 -0.05
C THR A 44 -15.21 0.55 -1.57
N SER A 45 -16.44 0.41 -2.03
CA SER A 45 -16.71 0.38 -3.46
C SER A 45 -16.14 1.65 -4.13
N GLY A 46 -15.35 1.42 -5.17
CA GLY A 46 -14.74 2.52 -5.89
C GLY A 46 -14.57 2.18 -7.37
N PRO A 47 -15.56 2.63 -8.18
CA PRO A 47 -15.53 2.38 -9.61
C PRO A 47 -14.51 3.27 -10.31
N SER A 48 -14.48 4.53 -9.88
CA SER A 48 -13.56 5.49 -10.45
C SER A 48 -13.73 6.85 -9.75
N SER A 49 -12.59 7.53 -9.59
CA SER A 49 -12.61 8.83 -8.94
C SER A 49 -11.95 9.87 -9.85
N GLY A 50 -12.71 10.89 -10.19
CA GLY A 50 -12.22 11.96 -11.05
C GLY A 50 -13.10 13.20 -10.94
N GLY A 1 -6.39 3.05 10.80
CA GLY A 1 -7.33 3.89 10.08
C GLY A 1 -6.62 5.08 9.43
N SER A 2 -7.13 5.50 8.29
CA SER A 2 -6.56 6.62 7.57
C SER A 2 -7.10 7.94 8.14
N SER A 3 -8.43 8.01 8.20
CA SER A 3 -9.08 9.20 8.71
C SER A 3 -8.91 10.37 7.73
N GLY A 4 -7.66 10.72 7.51
CA GLY A 4 -7.34 11.81 6.60
C GLY A 4 -6.04 11.54 5.84
N SER A 5 -5.74 12.42 4.90
CA SER A 5 -4.52 12.28 4.10
C SER A 5 -4.54 10.94 3.37
N SER A 6 -5.28 10.90 2.27
CA SER A 6 -5.40 9.70 1.47
C SER A 6 -4.03 9.38 0.83
N GLY A 7 -3.79 8.08 0.65
CA GLY A 7 -2.55 7.63 0.06
C GLY A 7 -2.80 6.50 -0.93
N ARG A 8 -1.87 6.36 -1.87
CA ARG A 8 -1.98 5.32 -2.87
C ARG A 8 -0.65 4.56 -3.01
N TRP A 9 -0.62 3.39 -2.40
CA TRP A 9 0.58 2.56 -2.44
C TRP A 9 0.15 1.11 -2.69
N VAL A 10 1.11 0.30 -3.10
CA VAL A 10 0.86 -1.10 -3.37
C VAL A 10 2.08 -1.93 -2.98
N GLU A 11 1.84 -2.86 -2.07
CA GLU A 11 2.91 -3.73 -1.59
C GLU A 11 3.08 -4.93 -2.53
N GLY A 12 4.26 -5.04 -3.11
CA GLY A 12 4.55 -6.12 -4.02
C GLY A 12 5.80 -6.89 -3.58
N ILE A 13 6.53 -7.39 -4.56
CA ILE A 13 7.74 -8.14 -4.28
C ILE A 13 8.74 -7.92 -5.41
N THR A 14 10.02 -7.99 -5.06
CA THR A 14 11.08 -7.79 -6.02
C THR A 14 12.09 -8.94 -5.96
N SER A 15 13.23 -8.73 -6.60
CA SER A 15 14.28 -9.74 -6.62
C SER A 15 14.34 -10.46 -5.27
N GLU A 16 14.61 -11.75 -5.33
CA GLU A 16 14.70 -12.56 -4.13
C GLU A 16 13.31 -12.75 -3.51
N GLY A 17 12.73 -11.63 -3.09
CA GLY A 17 11.41 -11.66 -2.49
C GLY A 17 11.27 -10.57 -1.43
N TYR A 18 11.75 -9.39 -1.79
CA TYR A 18 11.68 -8.24 -0.88
C TYR A 18 10.33 -7.53 -1.00
N HIS A 19 9.62 -7.49 0.12
CA HIS A 19 8.32 -6.85 0.15
C HIS A 19 8.50 -5.33 0.15
N TYR A 20 8.24 -4.73 -1.00
CA TYR A 20 8.37 -3.30 -1.15
C TYR A 20 7.02 -2.66 -1.50
N TYR A 21 6.96 -1.35 -1.31
CA TYR A 21 5.75 -0.60 -1.61
C TYR A 21 6.01 0.49 -2.64
N TYR A 22 5.17 0.51 -3.67
CA TYR A 22 5.30 1.49 -4.73
C TYR A 22 4.20 2.55 -4.63
N ASP A 23 4.40 3.65 -5.33
CA ASP A 23 3.45 4.74 -5.33
C ASP A 23 2.96 4.99 -6.77
N LEU A 24 1.65 5.03 -6.92
CA LEU A 24 1.05 5.25 -8.22
C LEU A 24 0.83 6.75 -8.42
N ILE A 25 0.64 7.44 -7.31
CA ILE A 25 0.42 8.88 -7.35
C ILE A 25 1.29 9.50 -8.45
N SER A 26 2.59 9.44 -8.23
CA SER A 26 3.54 9.98 -9.20
C SER A 26 4.49 8.88 -9.68
N GLY A 27 4.86 8.02 -8.75
CA GLY A 27 5.75 6.92 -9.06
C GLY A 27 6.90 6.85 -8.05
N ALA A 28 6.53 6.80 -6.78
CA ALA A 28 7.51 6.74 -5.71
C ALA A 28 7.65 5.29 -5.24
N SER A 29 8.69 5.04 -4.46
CA SER A 29 8.94 3.72 -3.94
C SER A 29 9.56 3.80 -2.54
N GLN A 30 9.30 2.78 -1.75
CA GLN A 30 9.82 2.74 -0.39
C GLN A 30 9.79 1.30 0.14
N TRP A 31 10.72 1.02 1.04
CA TRP A 31 10.82 -0.30 1.63
C TRP A 31 9.74 -0.41 2.72
N GLU A 32 9.73 0.57 3.61
CA GLU A 32 8.77 0.60 4.69
C GLU A 32 7.35 0.73 4.13
N LYS A 33 6.38 0.67 5.04
CA LYS A 33 4.99 0.78 4.65
C LYS A 33 4.55 2.25 4.76
N PRO A 34 3.73 2.67 3.76
CA PRO A 34 3.24 4.04 3.75
C PRO A 34 2.13 4.24 4.79
N GLU A 35 2.26 5.33 5.54
CA GLU A 35 1.28 5.64 6.57
C GLU A 35 -0.12 5.33 6.08
N GLY A 36 -0.40 5.74 4.85
CA GLY A 36 -1.70 5.51 4.26
C GLY A 36 -1.67 4.30 3.33
N PHE A 37 -1.63 3.13 3.95
CA PHE A 37 -1.61 1.89 3.19
C PHE A 37 -2.83 1.01 3.52
N GLN A 38 -2.95 -0.07 2.77
CA GLN A 38 -4.07 -0.99 2.97
C GLN A 38 -3.77 -2.32 2.27
N GLY A 39 -3.72 -3.37 3.08
CA GLY A 39 -3.45 -4.70 2.56
C GLY A 39 -3.45 -5.74 3.69
N ASP A 40 -4.34 -6.71 3.56
CA ASP A 40 -4.44 -7.77 4.55
C ASP A 40 -5.33 -8.88 4.02
N LEU A 41 -4.78 -10.08 3.99
CA LEU A 41 -5.51 -11.24 3.50
C LEU A 41 -5.75 -11.09 2.00
N LYS A 42 -6.63 -10.15 1.67
CA LYS A 42 -6.96 -9.89 0.28
C LYS A 42 -7.69 -8.57 0.16
N LYS A 43 -7.75 -8.06 -1.06
CA LYS A 43 -8.42 -6.79 -1.31
C LYS A 43 -9.86 -6.87 -0.78
N THR A 44 -10.62 -7.78 -1.36
CA THR A 44 -12.01 -7.95 -0.95
C THR A 44 -12.55 -9.28 -1.49
N SER A 45 -13.21 -10.01 -0.61
CA SER A 45 -13.78 -11.30 -0.99
C SER A 45 -15.06 -11.55 -0.18
N GLY A 46 -16.06 -12.08 -0.88
CA GLY A 46 -17.33 -12.38 -0.24
C GLY A 46 -18.37 -11.30 -0.56
N PRO A 47 -19.53 -11.40 0.13
CA PRO A 47 -20.61 -10.43 -0.06
C PRO A 47 -20.28 -9.10 0.61
N SER A 48 -19.38 -8.36 -0.03
CA SER A 48 -18.97 -7.07 0.49
C SER A 48 -18.40 -6.21 -0.64
N SER A 49 -19.26 -5.34 -1.15
CA SER A 49 -18.86 -4.44 -2.23
C SER A 49 -17.99 -3.31 -1.69
N GLY A 50 -17.00 -2.92 -2.48
CA GLY A 50 -16.10 -1.85 -2.09
C GLY A 50 -14.91 -1.77 -3.05
N GLY A 1 -5.80 12.00 13.81
CA GLY A 1 -7.10 11.68 13.26
C GLY A 1 -7.48 12.67 12.16
N SER A 2 -7.72 13.91 12.59
CA SER A 2 -8.10 14.96 11.65
C SER A 2 -6.99 15.16 10.61
N SER A 3 -7.35 15.85 9.54
CA SER A 3 -6.40 16.12 8.47
C SER A 3 -5.72 14.82 8.03
N GLY A 4 -6.44 14.06 7.21
CA GLY A 4 -5.93 12.80 6.71
C GLY A 4 -5.24 12.98 5.37
N SER A 5 -4.02 12.46 5.27
CA SER A 5 -3.26 12.56 4.04
C SER A 5 -3.39 11.26 3.24
N SER A 6 -4.50 11.14 2.54
CA SER A 6 -4.77 9.97 1.73
C SER A 6 -3.49 9.57 0.97
N GLY A 7 -3.19 8.29 1.03
CA GLY A 7 -2.00 7.76 0.36
C GLY A 7 -2.38 6.66 -0.63
N ARG A 8 -1.54 6.48 -1.63
CA ARG A 8 -1.77 5.46 -2.64
C ARG A 8 -0.50 4.64 -2.87
N TRP A 9 -0.48 3.45 -2.28
CA TRP A 9 0.66 2.57 -2.40
C TRP A 9 0.13 1.15 -2.65
N VAL A 10 1.05 0.27 -2.98
CA VAL A 10 0.70 -1.13 -3.24
C VAL A 10 1.89 -2.02 -2.90
N GLU A 11 1.60 -3.10 -2.19
CA GLU A 11 2.64 -4.05 -1.80
C GLU A 11 2.88 -5.06 -2.92
N GLY A 12 4.14 -5.15 -3.33
CA GLY A 12 4.53 -6.07 -4.39
C GLY A 12 5.81 -6.81 -4.03
N ILE A 13 6.68 -6.93 -5.02
CA ILE A 13 7.95 -7.61 -4.82
C ILE A 13 9.00 -7.00 -5.74
N THR A 14 10.26 -7.21 -5.39
CA THR A 14 11.36 -6.69 -6.17
C THR A 14 12.16 -7.83 -6.81
N SER A 15 13.33 -7.48 -7.32
CA SER A 15 14.19 -8.46 -7.96
C SER A 15 14.26 -9.73 -7.10
N GLU A 16 15.23 -9.74 -6.19
CA GLU A 16 15.42 -10.87 -5.31
C GLU A 16 14.06 -11.45 -4.89
N GLY A 17 13.27 -10.61 -4.24
CA GLY A 17 11.95 -11.02 -3.79
C GLY A 17 11.58 -10.33 -2.48
N TYR A 18 11.85 -9.03 -2.43
CA TYR A 18 11.55 -8.24 -1.25
C TYR A 18 10.19 -7.55 -1.39
N HIS A 19 9.41 -7.64 -0.33
CA HIS A 19 8.09 -7.03 -0.32
C HIS A 19 8.24 -5.52 -0.11
N TYR A 20 8.14 -4.80 -1.21
CA TYR A 20 8.26 -3.35 -1.17
C TYR A 20 6.92 -2.67 -1.47
N TYR A 21 6.89 -1.36 -1.31
CA TYR A 21 5.69 -0.59 -1.56
C TYR A 21 5.93 0.48 -2.62
N TYR A 22 5.10 0.43 -3.65
CA TYR A 22 5.22 1.39 -4.74
C TYR A 22 4.21 2.53 -4.58
N ASP A 23 4.38 3.55 -5.40
CA ASP A 23 3.50 4.70 -5.36
C ASP A 23 2.94 4.97 -6.77
N LEU A 24 1.62 5.04 -6.84
CA LEU A 24 0.97 5.28 -8.12
C LEU A 24 0.79 6.80 -8.30
N ILE A 25 0.69 7.49 -7.18
CA ILE A 25 0.51 8.94 -7.21
C ILE A 25 1.35 9.53 -8.35
N SER A 26 2.67 9.43 -8.18
CA SER A 26 3.59 9.95 -9.19
C SER A 26 4.50 8.83 -9.68
N GLY A 27 4.90 7.97 -8.74
CA GLY A 27 5.77 6.86 -9.08
C GLY A 27 6.98 6.81 -8.14
N ALA A 28 6.68 6.83 -6.85
CA ALA A 28 7.73 6.79 -5.84
C ALA A 28 7.88 5.36 -5.33
N SER A 29 8.90 5.17 -4.50
CA SER A 29 9.17 3.85 -3.95
C SER A 29 9.83 3.99 -2.57
N GLN A 30 9.48 3.06 -1.69
CA GLN A 30 10.03 3.08 -0.34
C GLN A 30 9.89 1.69 0.29
N TRP A 31 10.82 1.39 1.19
CA TRP A 31 10.82 0.11 1.88
C TRP A 31 9.84 0.21 3.05
N GLU A 32 10.09 1.21 3.90
CA GLU A 32 9.25 1.43 5.07
C GLU A 32 7.78 1.54 4.65
N LYS A 33 6.91 1.45 5.64
CA LYS A 33 5.48 1.55 5.39
C LYS A 33 5.04 3.01 5.57
N PRO A 34 4.37 3.54 4.51
CA PRO A 34 3.89 4.91 4.55
C PRO A 34 2.64 5.03 5.44
N GLU A 35 2.67 6.03 6.31
CA GLU A 35 1.56 6.26 7.22
C GLU A 35 0.25 6.33 6.44
N GLY A 36 -0.51 5.25 6.53
CA GLY A 36 -1.79 5.18 5.84
C GLY A 36 -1.99 3.80 5.20
N PHE A 37 -0.91 3.30 4.64
CA PHE A 37 -0.96 1.99 3.99
C PHE A 37 -1.72 0.98 4.84
N GLN A 38 -2.55 0.19 4.17
CA GLN A 38 -3.34 -0.82 4.86
C GLN A 38 -3.41 -2.10 4.02
N GLY A 39 -2.38 -2.91 4.15
CA GLY A 39 -2.31 -4.17 3.41
C GLY A 39 -2.66 -5.35 4.32
N ASP A 40 -3.85 -5.27 4.90
CA ASP A 40 -4.32 -6.32 5.78
C ASP A 40 -5.84 -6.21 5.94
N LEU A 41 -6.41 -7.20 6.63
CA LEU A 41 -7.84 -7.22 6.85
C LEU A 41 -8.18 -6.32 8.05
N LYS A 42 -9.44 -5.91 8.11
CA LYS A 42 -9.90 -5.05 9.19
C LYS A 42 -9.32 -5.56 10.51
N LYS A 43 -9.82 -6.71 10.93
CA LYS A 43 -9.36 -7.32 12.18
C LYS A 43 -8.46 -8.51 11.85
N THR A 44 -7.73 -8.95 12.88
CA THR A 44 -6.84 -10.08 12.72
C THR A 44 -7.42 -11.33 13.40
N SER A 45 -8.36 -11.08 14.30
CA SER A 45 -9.01 -12.16 15.02
C SER A 45 -10.42 -12.39 14.47
N GLY A 46 -10.49 -13.21 13.43
CA GLY A 46 -11.77 -13.51 12.80
C GLY A 46 -11.64 -14.68 11.83
N PRO A 47 -12.77 -15.00 11.15
CA PRO A 47 -12.79 -16.08 10.19
C PRO A 47 -12.08 -15.69 8.90
N SER A 48 -11.36 -16.65 8.33
CA SER A 48 -10.63 -16.42 7.10
C SER A 48 -11.42 -16.98 5.91
N SER A 49 -12.20 -16.09 5.29
CA SER A 49 -13.00 -16.48 4.15
C SER A 49 -13.96 -17.61 4.54
N GLY A 50 -15.24 -17.27 4.54
CA GLY A 50 -16.27 -18.25 4.89
C GLY A 50 -17.58 -17.55 5.25
N GLY A 1 3.17 11.56 12.90
CA GLY A 1 2.17 11.57 11.85
C GLY A 1 0.79 11.92 12.40
N SER A 2 0.17 12.91 11.79
CA SER A 2 -1.15 13.34 12.21
C SER A 2 -2.23 12.69 11.33
N SER A 3 -2.12 12.95 10.04
CA SER A 3 -3.06 12.40 9.09
C SER A 3 -2.46 11.18 8.40
N GLY A 4 -2.67 10.02 9.01
CA GLY A 4 -2.16 8.78 8.45
C GLY A 4 -3.29 7.91 7.88
N SER A 5 -3.61 8.18 6.63
CA SER A 5 -4.66 7.44 5.96
C SER A 5 -4.57 7.65 4.44
N SER A 6 -4.77 8.90 4.04
CA SER A 6 -4.71 9.25 2.64
C SER A 6 -3.37 8.81 2.04
N GLY A 7 -3.45 8.08 0.94
CA GLY A 7 -2.25 7.59 0.28
C GLY A 7 -2.60 6.49 -0.73
N ARG A 8 -1.73 6.34 -1.72
CA ARG A 8 -1.93 5.34 -2.75
C ARG A 8 -0.64 4.54 -2.96
N TRP A 9 -0.62 3.34 -2.40
CA TRP A 9 0.54 2.47 -2.51
C TRP A 9 0.04 1.05 -2.78
N VAL A 10 0.98 0.18 -3.10
CA VAL A 10 0.65 -1.21 -3.37
C VAL A 10 1.82 -2.10 -2.94
N GLU A 11 1.49 -3.13 -2.18
CA GLU A 11 2.49 -4.06 -1.70
C GLU A 11 2.75 -5.15 -2.74
N GLY A 12 4.03 -5.38 -3.00
CA GLY A 12 4.43 -6.38 -3.98
C GLY A 12 5.68 -7.12 -3.51
N ILE A 13 6.56 -7.40 -4.47
CA ILE A 13 7.79 -8.09 -4.18
C ILE A 13 8.88 -7.64 -5.16
N THR A 14 10.12 -7.82 -4.74
CA THR A 14 11.25 -7.44 -5.57
C THR A 14 12.02 -8.68 -6.04
N SER A 15 13.21 -8.43 -6.58
CA SER A 15 14.04 -9.51 -7.07
C SER A 15 14.07 -10.65 -6.05
N GLU A 16 15.02 -10.55 -5.13
CA GLU A 16 15.17 -11.56 -4.10
C GLU A 16 13.79 -12.07 -3.66
N GLY A 17 13.00 -11.15 -3.14
CA GLY A 17 11.66 -11.49 -2.68
C GLY A 17 11.28 -10.66 -1.45
N TYR A 18 11.59 -9.37 -1.53
CA TYR A 18 11.28 -8.45 -0.44
C TYR A 18 9.97 -7.71 -0.70
N HIS A 19 9.17 -7.63 0.35
CA HIS A 19 7.88 -6.95 0.25
C HIS A 19 8.10 -5.44 0.26
N TYR A 20 8.06 -4.86 -0.93
CA TYR A 20 8.26 -3.43 -1.08
C TYR A 20 6.93 -2.73 -1.40
N TYR A 21 6.95 -1.41 -1.26
CA TYR A 21 5.77 -0.61 -1.52
C TYR A 21 6.03 0.44 -2.60
N TYR A 22 5.10 0.53 -3.54
CA TYR A 22 5.23 1.48 -4.62
C TYR A 22 4.19 2.59 -4.50
N ASP A 23 4.37 3.63 -5.31
CA ASP A 23 3.45 4.76 -5.30
C ASP A 23 2.94 5.00 -6.72
N LEU A 24 1.62 5.04 -6.84
CA LEU A 24 1.00 5.26 -8.13
C LEU A 24 0.79 6.76 -8.34
N ILE A 25 0.65 7.47 -7.23
CA ILE A 25 0.45 8.90 -7.28
C ILE A 25 1.29 9.50 -8.40
N SER A 26 2.60 9.44 -8.20
CA SER A 26 3.53 9.96 -9.19
C SER A 26 4.48 8.85 -9.66
N GLY A 27 4.87 8.01 -8.72
CA GLY A 27 5.77 6.91 -9.02
C GLY A 27 6.95 6.88 -8.06
N ALA A 28 6.63 6.86 -6.77
CA ALA A 28 7.66 6.84 -5.75
C ALA A 28 7.87 5.39 -5.28
N SER A 29 8.92 5.21 -4.48
CA SER A 29 9.25 3.90 -3.97
C SER A 29 9.95 4.02 -2.62
N GLN A 30 9.63 3.09 -1.73
CA GLN A 30 10.23 3.09 -0.40
C GLN A 30 10.03 1.72 0.27
N TRP A 31 10.95 1.40 1.15
CA TRP A 31 10.90 0.12 1.86
C TRP A 31 9.89 0.27 3.00
N GLU A 32 10.16 1.24 3.87
CA GLU A 32 9.29 1.48 5.01
C GLU A 32 7.84 1.69 4.53
N LYS A 33 6.93 1.66 5.48
CA LYS A 33 5.53 1.84 5.18
C LYS A 33 5.15 3.31 5.37
N PRO A 34 4.54 3.89 4.31
CA PRO A 34 4.13 5.29 4.34
C PRO A 34 2.87 5.46 5.19
N GLU A 35 2.77 6.63 5.81
CA GLU A 35 1.64 6.94 6.66
C GLU A 35 0.34 6.89 5.84
N GLY A 36 -0.36 5.77 5.98
CA GLY A 36 -1.61 5.59 5.28
C GLY A 36 -1.86 4.09 4.98
N PHE A 37 -0.93 3.51 4.24
CA PHE A 37 -1.03 2.11 3.88
C PHE A 37 -1.61 1.29 5.03
N GLN A 38 -2.38 0.27 4.67
CA GLN A 38 -2.99 -0.59 5.66
C GLN A 38 -2.94 -2.05 5.20
N GLY A 39 -1.79 -2.67 5.42
CA GLY A 39 -1.60 -4.05 5.02
C GLY A 39 -2.73 -4.94 5.57
N ASP A 40 -2.81 -4.98 6.90
CA ASP A 40 -3.84 -5.77 7.55
C ASP A 40 -5.21 -5.20 7.23
N LEU A 41 -6.24 -6.01 7.48
CA LEU A 41 -7.60 -5.59 7.22
C LEU A 41 -8.40 -5.67 8.51
N LYS A 42 -9.32 -4.73 8.66
CA LYS A 42 -10.16 -4.68 9.85
C LYS A 42 -9.29 -4.36 11.07
N LYS A 43 -9.95 -4.24 12.22
CA LYS A 43 -9.26 -3.94 13.45
C LYS A 43 -8.39 -2.69 13.26
N THR A 44 -9.07 -1.54 13.27
CA THR A 44 -8.37 -0.27 13.09
C THR A 44 -8.36 0.51 14.40
N SER A 45 -9.56 0.75 14.93
CA SER A 45 -9.69 1.48 16.17
C SER A 45 -9.25 2.93 15.98
N GLY A 46 -7.94 3.10 15.90
CA GLY A 46 -7.37 4.43 15.71
C GLY A 46 -7.48 5.25 17.00
N PRO A 47 -7.14 6.56 16.87
CA PRO A 47 -7.20 7.47 18.01
C PRO A 47 -8.64 7.84 18.34
N SER A 48 -8.79 8.66 19.37
CA SER A 48 -10.10 9.10 19.80
C SER A 48 -9.98 10.40 20.60
N SER A 49 -9.17 10.35 21.65
CA SER A 49 -8.97 11.51 22.48
C SER A 49 -7.58 12.10 22.24
N GLY A 50 -6.57 11.26 22.42
CA GLY A 50 -5.19 11.69 22.22
C GLY A 50 -5.07 12.57 20.97
N GLY A 1 -17.53 7.32 5.50
CA GLY A 1 -16.94 6.50 6.54
C GLY A 1 -17.03 5.02 6.18
N SER A 2 -16.16 4.60 5.27
CA SER A 2 -16.14 3.21 4.84
C SER A 2 -14.70 2.78 4.56
N SER A 3 -14.08 3.49 3.63
CA SER A 3 -12.70 3.19 3.26
C SER A 3 -12.01 4.45 2.73
N GLY A 4 -10.95 4.84 3.41
CA GLY A 4 -10.20 6.02 3.02
C GLY A 4 -8.71 5.70 2.92
N SER A 5 -8.04 5.73 4.06
CA SER A 5 -6.61 5.46 4.11
C SER A 5 -5.87 6.36 3.11
N SER A 6 -5.62 7.58 3.54
CA SER A 6 -4.92 8.54 2.70
C SER A 6 -3.63 7.92 2.16
N GLY A 7 -3.33 8.23 0.91
CA GLY A 7 -2.14 7.71 0.26
C GLY A 7 -2.48 6.58 -0.71
N ARG A 8 -1.61 6.41 -1.70
CA ARG A 8 -1.81 5.37 -2.70
C ARG A 8 -0.52 4.57 -2.89
N TRP A 9 -0.51 3.39 -2.29
CA TRP A 9 0.65 2.51 -2.38
C TRP A 9 0.15 1.09 -2.62
N VAL A 10 1.05 0.25 -3.10
CA VAL A 10 0.71 -1.14 -3.37
C VAL A 10 1.89 -2.03 -2.96
N GLU A 11 1.57 -3.07 -2.20
CA GLU A 11 2.57 -4.00 -1.74
C GLU A 11 2.83 -5.07 -2.80
N GLY A 12 4.04 -5.04 -3.35
CA GLY A 12 4.43 -5.99 -4.37
C GLY A 12 5.67 -6.78 -3.95
N ILE A 13 6.42 -7.24 -4.94
CA ILE A 13 7.62 -7.99 -4.69
C ILE A 13 8.66 -7.69 -5.78
N THR A 14 9.92 -7.79 -5.39
CA THR A 14 11.01 -7.52 -6.31
C THR A 14 12.00 -8.69 -6.31
N SER A 15 13.15 -8.43 -6.92
CA SER A 15 14.20 -9.45 -7.00
C SER A 15 14.26 -10.23 -5.69
N GLU A 16 14.44 -11.54 -5.83
CA GLU A 16 14.52 -12.41 -4.66
C GLU A 16 13.13 -12.67 -4.10
N GLY A 17 12.52 -11.62 -3.58
CA GLY A 17 11.19 -11.72 -3.00
C GLY A 17 11.01 -10.72 -1.87
N TYR A 18 11.47 -9.50 -2.12
CA TYR A 18 11.36 -8.44 -1.13
C TYR A 18 10.01 -7.71 -1.25
N HIS A 19 9.30 -7.67 -0.14
CA HIS A 19 8.00 -7.01 -0.11
C HIS A 19 8.20 -5.49 0.01
N TYR A 20 8.13 -4.82 -1.12
CA TYR A 20 8.30 -3.38 -1.16
C TYR A 20 6.98 -2.69 -1.47
N TYR A 21 6.97 -1.38 -1.26
CA TYR A 21 5.78 -0.59 -1.52
C TYR A 21 6.04 0.48 -2.58
N TYR A 22 5.20 0.48 -3.59
CA TYR A 22 5.33 1.45 -4.68
C TYR A 22 4.26 2.53 -4.58
N ASP A 23 4.50 3.61 -5.31
CA ASP A 23 3.57 4.73 -5.32
C ASP A 23 3.03 4.94 -6.73
N LEU A 24 1.70 4.97 -6.83
CA LEU A 24 1.06 5.16 -8.11
C LEU A 24 0.83 6.65 -8.35
N ILE A 25 0.69 7.38 -7.26
CA ILE A 25 0.48 8.81 -7.32
C ILE A 25 1.29 9.39 -8.49
N SER A 26 2.61 9.34 -8.33
CA SER A 26 3.50 9.84 -9.35
C SER A 26 4.44 8.73 -9.83
N GLY A 27 4.85 7.90 -8.88
CA GLY A 27 5.74 6.79 -9.19
C GLY A 27 6.92 6.74 -8.20
N ALA A 28 6.58 6.79 -6.93
CA ALA A 28 7.59 6.75 -5.89
C ALA A 28 7.71 5.32 -5.35
N SER A 29 8.76 5.11 -4.57
CA SER A 29 8.99 3.80 -3.99
C SER A 29 9.72 3.93 -2.65
N GLN A 30 9.39 3.05 -1.73
CA GLN A 30 10.00 3.07 -0.41
C GLN A 30 9.86 1.70 0.26
N TRP A 31 10.86 1.35 1.04
CA TRP A 31 10.87 0.08 1.75
C TRP A 31 9.91 0.19 2.93
N GLU A 32 10.11 1.24 3.72
CA GLU A 32 9.26 1.47 4.88
C GLU A 32 7.81 1.65 4.45
N LYS A 33 6.94 1.74 5.45
CA LYS A 33 5.53 1.92 5.19
C LYS A 33 5.14 3.38 5.45
N PRO A 34 4.53 4.01 4.42
CA PRO A 34 4.11 5.40 4.52
C PRO A 34 2.85 5.52 5.37
N GLU A 35 2.85 6.53 6.23
CA GLU A 35 1.70 6.77 7.10
C GLU A 35 0.42 6.85 6.28
N GLY A 36 -0.29 5.72 6.24
CA GLY A 36 -1.53 5.65 5.49
C GLY A 36 -1.82 4.22 5.05
N PHE A 37 -0.82 3.62 4.41
CA PHE A 37 -0.96 2.26 3.93
C PHE A 37 -1.50 1.34 5.02
N GLN A 38 -0.99 1.52 6.23
CA GLN A 38 -1.42 0.73 7.36
C GLN A 38 -1.00 -0.74 7.17
N GLY A 39 -1.63 -1.38 6.19
CA GLY A 39 -1.32 -2.77 5.89
C GLY A 39 -2.61 -3.56 5.63
N ASP A 40 -2.68 -4.74 6.24
CA ASP A 40 -3.83 -5.59 6.06
C ASP A 40 -3.99 -5.96 4.59
N LEU A 41 -4.80 -6.98 4.35
CA LEU A 41 -5.04 -7.43 2.99
C LEU A 41 -6.18 -6.62 2.37
N LYS A 42 -6.24 -6.66 1.05
CA LYS A 42 -7.27 -5.93 0.33
C LYS A 42 -8.64 -6.29 0.89
N LYS A 43 -8.98 -7.56 0.77
CA LYS A 43 -10.26 -8.05 1.27
C LYS A 43 -10.29 -7.91 2.79
N THR A 44 -9.58 -8.83 3.45
CA THR A 44 -9.52 -8.83 4.90
C THR A 44 -10.90 -9.09 5.49
N SER A 45 -11.18 -10.38 5.73
CA SER A 45 -12.45 -10.77 6.29
C SER A 45 -12.47 -10.50 7.80
N GLY A 46 -13.62 -10.75 8.40
CA GLY A 46 -13.78 -10.54 9.84
C GLY A 46 -15.24 -10.72 10.25
N PRO A 47 -15.43 -11.08 11.55
CA PRO A 47 -16.76 -11.28 12.09
C PRO A 47 -17.46 -9.95 12.32
N SER A 48 -18.72 -10.03 12.72
CA SER A 48 -19.52 -8.84 12.99
C SER A 48 -20.36 -9.04 14.24
N SER A 49 -20.54 -7.95 14.98
CA SER A 49 -21.31 -8.00 16.21
C SER A 49 -22.54 -8.90 16.01
N GLY A 50 -22.55 -10.02 16.72
CA GLY A 50 -23.64 -10.95 16.63
C GLY A 50 -24.39 -11.04 17.96
N GLY A 1 -20.04 7.41 -1.36
CA GLY A 1 -19.48 6.07 -1.33
C GLY A 1 -18.98 5.71 0.07
N SER A 2 -17.69 5.38 0.14
CA SER A 2 -17.09 5.03 1.41
C SER A 2 -15.57 4.86 1.24
N SER A 3 -14.84 5.88 1.66
CA SER A 3 -13.40 5.85 1.55
C SER A 3 -12.77 6.37 2.84
N GLY A 4 -11.86 5.57 3.39
CA GLY A 4 -11.19 5.94 4.63
C GLY A 4 -9.69 5.67 4.52
N SER A 5 -9.02 6.52 3.75
CA SER A 5 -7.59 6.38 3.56
C SER A 5 -7.05 7.57 2.74
N SER A 6 -5.84 7.97 3.07
CA SER A 6 -5.20 9.08 2.37
C SER A 6 -3.83 8.66 1.86
N GLY A 7 -3.83 8.07 0.66
CA GLY A 7 -2.58 7.63 0.06
C GLY A 7 -2.84 6.47 -0.91
N ARG A 8 -1.92 6.32 -1.87
CA ARG A 8 -2.04 5.27 -2.85
C ARG A 8 -0.71 4.53 -3.00
N TRP A 9 -0.65 3.36 -2.38
CA TRP A 9 0.56 2.55 -2.43
C TRP A 9 0.14 1.09 -2.66
N VAL A 10 1.06 0.33 -3.20
CA VAL A 10 0.81 -1.08 -3.48
C VAL A 10 2.02 -1.91 -3.06
N GLU A 11 1.76 -2.90 -2.22
CA GLU A 11 2.82 -3.77 -1.74
C GLU A 11 3.08 -4.90 -2.75
N GLY A 12 4.27 -4.87 -3.32
CA GLY A 12 4.65 -5.88 -4.29
C GLY A 12 5.87 -6.66 -3.82
N ILE A 13 6.63 -7.17 -4.78
CA ILE A 13 7.83 -7.93 -4.48
C ILE A 13 8.88 -7.68 -5.57
N THR A 14 10.14 -7.76 -5.15
CA THR A 14 11.24 -7.54 -6.06
C THR A 14 12.24 -8.69 -5.99
N SER A 15 13.41 -8.47 -6.57
CA SER A 15 14.45 -9.47 -6.58
C SER A 15 14.43 -10.25 -5.26
N GLU A 16 14.74 -11.53 -5.36
CA GLU A 16 14.77 -12.39 -4.18
C GLU A 16 13.35 -12.60 -3.65
N GLY A 17 12.74 -11.51 -3.22
CA GLY A 17 11.39 -11.56 -2.69
C GLY A 17 11.19 -10.51 -1.60
N TYR A 18 11.68 -9.31 -1.87
CA TYR A 18 11.56 -8.22 -0.93
C TYR A 18 10.22 -7.51 -1.07
N HIS A 19 9.50 -7.43 0.04
CA HIS A 19 8.20 -6.80 0.05
C HIS A 19 8.37 -5.28 0.09
N TYR A 20 8.23 -4.66 -1.07
CA TYR A 20 8.37 -3.22 -1.19
C TYR A 20 7.05 -2.57 -1.61
N TYR A 21 6.85 -1.35 -1.13
CA TYR A 21 5.64 -0.62 -1.44
C TYR A 21 5.92 0.47 -2.49
N TYR A 22 5.11 0.45 -3.55
CA TYR A 22 5.26 1.42 -4.62
C TYR A 22 4.14 2.46 -4.57
N ASP A 23 4.37 3.56 -5.26
CA ASP A 23 3.39 4.64 -5.30
C ASP A 23 2.90 4.82 -6.74
N LEU A 24 1.59 4.84 -6.89
CA LEU A 24 0.99 5.01 -8.20
C LEU A 24 0.75 6.50 -8.46
N ILE A 25 0.56 7.23 -7.38
CA ILE A 25 0.32 8.66 -7.48
C ILE A 25 1.19 9.25 -8.60
N SER A 26 2.49 9.21 -8.39
CA SER A 26 3.43 9.72 -9.36
C SER A 26 4.40 8.61 -9.79
N GLY A 27 4.78 7.80 -8.82
CA GLY A 27 5.70 6.70 -9.08
C GLY A 27 6.84 6.69 -8.07
N ALA A 28 6.47 6.71 -6.80
CA ALA A 28 7.45 6.71 -5.72
C ALA A 28 7.64 5.27 -5.23
N SER A 29 8.74 5.08 -4.51
CA SER A 29 9.05 3.76 -3.97
C SER A 29 9.73 3.91 -2.60
N GLN A 30 9.50 2.91 -1.76
CA GLN A 30 10.08 2.91 -0.43
C GLN A 30 10.02 1.51 0.18
N TRP A 31 11.00 1.23 1.04
CA TRP A 31 11.08 -0.07 1.68
C TRP A 31 10.06 -0.08 2.82
N GLU A 32 10.19 0.87 3.72
CA GLU A 32 9.29 0.98 4.85
C GLU A 32 7.84 1.10 4.37
N LYS A 33 6.93 1.07 5.32
CA LYS A 33 5.51 1.17 5.01
C LYS A 33 5.12 2.65 4.92
N PRO A 34 4.35 2.98 3.84
CA PRO A 34 3.91 4.34 3.63
C PRO A 34 2.77 4.70 4.60
N GLU A 35 3.02 5.72 5.40
CA GLU A 35 2.03 6.18 6.37
C GLU A 35 0.66 6.30 5.70
N GLY A 36 -0.19 5.32 5.98
CA GLY A 36 -1.53 5.31 5.41
C GLY A 36 -1.90 3.91 4.91
N PHE A 37 -0.89 3.21 4.42
CA PHE A 37 -1.09 1.87 3.90
C PHE A 37 -1.94 1.03 4.85
N GLN A 38 -1.43 0.87 6.07
CA GLN A 38 -2.13 0.10 7.07
C GLN A 38 -2.56 -1.26 6.51
N GLY A 39 -1.58 -2.03 6.08
CA GLY A 39 -1.84 -3.34 5.52
C GLY A 39 -3.11 -3.33 4.67
N ASP A 40 -3.84 -4.43 4.74
CA ASP A 40 -5.07 -4.56 3.98
C ASP A 40 -6.13 -3.61 4.57
N LEU A 41 -7.11 -3.28 3.74
CA LEU A 41 -8.17 -2.39 4.15
C LEU A 41 -9.36 -2.55 3.21
N LYS A 42 -9.11 -2.27 1.94
CA LYS A 42 -10.16 -2.38 0.93
C LYS A 42 -9.51 -2.48 -0.46
N LYS A 43 -9.23 -3.71 -0.85
CA LYS A 43 -8.61 -3.95 -2.15
C LYS A 43 -9.50 -3.35 -3.25
N THR A 44 -8.98 -3.39 -4.47
CA THR A 44 -9.71 -2.86 -5.61
C THR A 44 -10.35 -1.52 -5.26
N SER A 45 -9.55 -0.65 -4.67
CA SER A 45 -10.03 0.66 -4.28
C SER A 45 -10.09 1.59 -5.51
N GLY A 46 -11.32 1.91 -5.90
CA GLY A 46 -11.52 2.78 -7.04
C GLY A 46 -12.31 2.05 -8.14
N PRO A 47 -12.75 2.85 -9.15
CA PRO A 47 -13.52 2.31 -10.25
C PRO A 47 -12.61 1.53 -11.21
N SER A 48 -12.81 0.22 -11.24
CA SER A 48 -12.03 -0.65 -12.10
C SER A 48 -12.94 -1.65 -12.81
N SER A 49 -13.14 -1.40 -14.10
CA SER A 49 -14.00 -2.28 -14.89
C SER A 49 -13.35 -3.66 -15.02
N GLY A 50 -13.75 -4.55 -14.12
CA GLY A 50 -13.24 -5.91 -14.11
C GLY A 50 -11.79 -5.93 -13.62
N GLY A 1 -17.92 -2.31 5.82
CA GLY A 1 -16.75 -1.56 5.41
C GLY A 1 -16.82 -0.12 5.93
N SER A 2 -15.65 0.42 6.26
CA SER A 2 -15.57 1.78 6.76
C SER A 2 -14.84 2.66 5.75
N SER A 3 -15.28 3.90 5.67
CA SER A 3 -14.69 4.86 4.75
C SER A 3 -13.60 5.67 5.47
N GLY A 4 -12.68 6.18 4.67
CA GLY A 4 -11.59 6.97 5.22
C GLY A 4 -10.23 6.37 4.83
N SER A 5 -9.64 6.94 3.79
CA SER A 5 -8.34 6.48 3.32
C SER A 5 -7.46 7.67 2.94
N SER A 6 -6.17 7.40 2.84
CA SER A 6 -5.22 8.44 2.48
C SER A 6 -3.91 7.81 2.00
N GLY A 7 -3.54 8.16 0.77
CA GLY A 7 -2.33 7.63 0.18
C GLY A 7 -2.64 6.51 -0.81
N ARG A 8 -1.75 6.36 -1.78
CA ARG A 8 -1.92 5.33 -2.79
C ARG A 8 -0.61 4.54 -2.97
N TRP A 9 -0.59 3.36 -2.37
CA TRP A 9 0.59 2.50 -2.46
C TRP A 9 0.12 1.07 -2.71
N VAL A 10 1.06 0.23 -3.12
CA VAL A 10 0.74 -1.16 -3.39
C VAL A 10 1.91 -2.04 -2.92
N GLU A 11 1.56 -3.12 -2.26
CA GLU A 11 2.55 -4.05 -1.75
C GLU A 11 2.85 -5.13 -2.78
N GLY A 12 4.09 -5.14 -3.24
CA GLY A 12 4.52 -6.11 -4.23
C GLY A 12 5.77 -6.86 -3.76
N ILE A 13 6.55 -7.31 -4.74
CA ILE A 13 7.77 -8.04 -4.44
C ILE A 13 8.82 -7.70 -5.50
N THR A 14 10.08 -7.79 -5.09
CA THR A 14 11.18 -7.51 -5.99
C THR A 14 12.20 -8.65 -5.96
N SER A 15 13.36 -8.38 -6.55
CA SER A 15 14.42 -9.37 -6.60
C SER A 15 14.50 -10.12 -5.27
N GLU A 16 14.61 -11.43 -5.37
CA GLU A 16 14.70 -12.27 -4.18
C GLU A 16 13.30 -12.56 -3.63
N GLY A 17 12.70 -11.51 -3.08
CA GLY A 17 11.37 -11.63 -2.51
C GLY A 17 11.14 -10.57 -1.43
N TYR A 18 11.57 -9.35 -1.73
CA TYR A 18 11.43 -8.26 -0.80
C TYR A 18 10.06 -7.57 -0.97
N HIS A 19 9.32 -7.51 0.13
CA HIS A 19 8.01 -6.89 0.12
C HIS A 19 8.16 -5.37 0.23
N TYR A 20 8.18 -4.72 -0.92
CA TYR A 20 8.31 -3.28 -0.97
C TYR A 20 6.97 -2.61 -1.31
N TYR A 21 6.95 -1.29 -1.17
CA TYR A 21 5.76 -0.53 -1.45
C TYR A 21 6.02 0.54 -2.51
N TYR A 22 5.19 0.53 -3.54
CA TYR A 22 5.32 1.49 -4.62
C TYR A 22 4.23 2.56 -4.53
N ASP A 23 4.45 3.64 -5.28
CA ASP A 23 3.50 4.74 -5.30
C ASP A 23 2.99 4.94 -6.73
N LEU A 24 1.66 4.95 -6.86
CA LEU A 24 1.04 5.13 -8.15
C LEU A 24 0.80 6.62 -8.39
N ILE A 25 0.63 7.35 -7.30
CA ILE A 25 0.41 8.78 -7.38
C ILE A 25 1.24 9.37 -8.52
N SER A 26 2.55 9.32 -8.33
CA SER A 26 3.47 9.84 -9.33
C SER A 26 4.42 8.74 -9.80
N GLY A 27 4.81 7.91 -8.84
CA GLY A 27 5.72 6.81 -9.14
C GLY A 27 6.89 6.78 -8.15
N ALA A 28 6.54 6.78 -6.88
CA ALA A 28 7.54 6.75 -5.82
C ALA A 28 7.70 5.31 -5.32
N SER A 29 8.76 5.11 -4.54
CA SER A 29 9.04 3.79 -3.99
C SER A 29 9.78 3.93 -2.66
N GLN A 30 9.47 3.02 -1.75
CA GLN A 30 10.11 3.03 -0.44
C GLN A 30 9.94 1.66 0.24
N TRP A 31 10.90 1.34 1.10
CA TRP A 31 10.86 0.08 1.81
C TRP A 31 9.91 0.23 2.99
N GLU A 32 10.17 1.26 3.79
CA GLU A 32 9.34 1.53 4.95
C GLU A 32 7.88 1.74 4.53
N LYS A 33 7.00 1.77 5.53
CA LYS A 33 5.59 1.95 5.27
C LYS A 33 5.24 3.43 5.46
N PRO A 34 4.57 3.99 4.41
CA PRO A 34 4.18 5.39 4.43
C PRO A 34 2.97 5.59 5.36
N GLU A 35 2.89 6.80 5.91
CA GLU A 35 1.80 7.14 6.82
C GLU A 35 0.48 7.17 6.06
N GLY A 36 0.02 5.98 5.68
CA GLY A 36 -1.23 5.86 4.95
C GLY A 36 -1.60 4.39 4.76
N PHE A 37 -0.68 3.65 4.17
CA PHE A 37 -0.90 2.23 3.92
C PHE A 37 -1.53 1.55 5.14
N GLN A 38 -2.02 0.34 4.92
CA GLN A 38 -2.63 -0.42 5.99
C GLN A 38 -3.07 -1.79 5.48
N GLY A 39 -2.09 -2.64 5.23
CA GLY A 39 -2.36 -3.98 4.73
C GLY A 39 -2.51 -4.97 5.89
N ASP A 40 -3.21 -6.06 5.61
CA ASP A 40 -3.43 -7.08 6.61
C ASP A 40 -4.22 -8.24 5.99
N LEU A 41 -3.48 -9.19 5.42
CA LEU A 41 -4.09 -10.34 4.78
C LEU A 41 -5.16 -9.86 3.79
N LYS A 42 -4.69 -9.57 2.58
CA LYS A 42 -5.59 -9.10 1.53
C LYS A 42 -6.46 -7.97 2.08
N LYS A 43 -5.96 -6.75 1.92
CA LYS A 43 -6.69 -5.58 2.37
C LYS A 43 -6.81 -4.58 1.24
N THR A 44 -8.01 -4.51 0.67
CA THR A 44 -8.27 -3.60 -0.43
C THR A 44 -9.12 -2.43 0.04
N SER A 45 -8.97 -1.31 -0.65
CA SER A 45 -9.73 -0.11 -0.31
C SER A 45 -10.76 0.18 -1.40
N GLY A 46 -12.02 -0.04 -1.03
CA GLY A 46 -13.11 0.19 -1.95
C GLY A 46 -14.31 0.82 -1.24
N PRO A 47 -14.58 2.11 -1.58
CA PRO A 47 -15.69 2.83 -0.97
C PRO A 47 -17.02 2.37 -1.56
N SER A 48 -17.02 2.16 -2.87
CA SER A 48 -18.22 1.71 -3.56
C SER A 48 -19.36 2.72 -3.33
N SER A 49 -20.43 2.54 -4.09
CA SER A 49 -21.58 3.41 -3.98
C SER A 49 -21.88 3.71 -2.50
N GLY A 50 -22.41 4.89 -2.26
CA GLY A 50 -22.73 5.31 -0.91
C GLY A 50 -21.48 5.48 -0.06
N GLY A 1 -8.58 13.42 12.84
CA GLY A 1 -9.43 13.60 11.67
C GLY A 1 -8.79 14.56 10.67
N SER A 2 -9.65 15.34 10.02
CA SER A 2 -9.20 16.30 9.04
C SER A 2 -8.44 15.58 7.91
N SER A 3 -9.20 15.14 6.92
CA SER A 3 -8.61 14.44 5.79
C SER A 3 -8.33 12.99 6.16
N GLY A 4 -7.56 12.82 7.23
CA GLY A 4 -7.20 11.50 7.70
C GLY A 4 -5.76 11.16 7.33
N SER A 5 -5.61 10.08 6.58
CA SER A 5 -4.29 9.63 6.15
C SER A 5 -4.13 9.84 4.64
N SER A 6 -4.95 9.11 3.89
CA SER A 6 -4.90 9.21 2.44
C SER A 6 -3.54 8.75 1.92
N GLY A 7 -3.56 8.19 0.72
CA GLY A 7 -2.35 7.70 0.10
C GLY A 7 -2.64 6.57 -0.88
N ARG A 8 -1.75 6.39 -1.84
CA ARG A 8 -1.91 5.35 -2.84
C ARG A 8 -0.61 4.56 -3.00
N TRP A 9 -0.59 3.39 -2.39
CA TRP A 9 0.59 2.53 -2.45
C TRP A 9 0.11 1.10 -2.69
N VAL A 10 1.05 0.25 -3.09
CA VAL A 10 0.75 -1.15 -3.36
C VAL A 10 1.89 -2.02 -2.85
N GLU A 11 1.51 -3.13 -2.22
CA GLU A 11 2.49 -4.05 -1.68
C GLU A 11 2.79 -5.17 -2.69
N GLY A 12 4.07 -5.47 -2.84
CA GLY A 12 4.49 -6.51 -3.77
C GLY A 12 5.71 -7.25 -3.24
N ILE A 13 6.61 -7.59 -4.15
CA ILE A 13 7.82 -8.31 -3.79
C ILE A 13 8.94 -7.89 -4.73
N THR A 14 10.17 -7.97 -4.21
CA THR A 14 11.33 -7.60 -4.99
C THR A 14 12.06 -8.86 -5.48
N SER A 15 13.27 -8.65 -5.98
CA SER A 15 14.07 -9.74 -6.48
C SER A 15 14.14 -10.87 -5.45
N GLU A 16 14.97 -10.67 -4.44
CA GLU A 16 15.14 -11.65 -3.40
C GLU A 16 13.77 -12.16 -2.94
N GLY A 17 12.95 -11.23 -2.48
CA GLY A 17 11.62 -11.56 -2.00
C GLY A 17 11.20 -10.67 -0.83
N TYR A 18 11.49 -9.38 -0.99
CA TYR A 18 11.16 -8.41 0.04
C TYR A 18 9.85 -7.68 -0.30
N HIS A 19 8.99 -7.58 0.70
CA HIS A 19 7.71 -6.92 0.54
C HIS A 19 7.92 -5.41 0.45
N TYR A 20 8.01 -4.92 -0.78
CA TYR A 20 8.22 -3.50 -1.02
C TYR A 20 6.90 -2.82 -1.39
N TYR A 21 6.90 -1.50 -1.24
CA TYR A 21 5.72 -0.72 -1.56
C TYR A 21 6.03 0.35 -2.61
N TYR A 22 5.14 0.47 -3.58
CA TYR A 22 5.32 1.44 -4.65
C TYR A 22 4.20 2.49 -4.61
N ASP A 23 4.49 3.63 -5.23
CA ASP A 23 3.53 4.72 -5.27
C ASP A 23 3.01 4.88 -6.70
N LEU A 24 1.69 4.88 -6.83
CA LEU A 24 1.06 5.03 -8.13
C LEU A 24 0.81 6.51 -8.41
N ILE A 25 0.62 7.26 -7.33
CA ILE A 25 0.36 8.68 -7.44
C ILE A 25 1.19 9.27 -8.59
N SER A 26 2.51 9.23 -8.40
CA SER A 26 3.41 9.75 -9.41
C SER A 26 4.38 8.65 -9.85
N GLY A 27 4.78 7.84 -8.89
CA GLY A 27 5.70 6.74 -9.16
C GLY A 27 6.87 6.75 -8.17
N ALA A 28 6.52 6.80 -6.89
CA ALA A 28 7.53 6.81 -5.84
C ALA A 28 7.77 5.37 -5.37
N SER A 29 8.80 5.23 -4.53
CA SER A 29 9.14 3.93 -4.00
C SER A 29 9.79 4.08 -2.62
N GLN A 30 9.53 3.09 -1.77
CA GLN A 30 10.07 3.11 -0.43
C GLN A 30 9.97 1.72 0.20
N TRP A 31 11.00 1.38 0.98
CA TRP A 31 11.04 0.08 1.64
C TRP A 31 10.01 0.10 2.77
N GLU A 32 10.19 1.05 3.68
CA GLU A 32 9.29 1.19 4.82
C GLU A 32 7.83 1.21 4.34
N LYS A 33 6.93 1.00 5.28
CA LYS A 33 5.51 1.00 4.98
C LYS A 33 4.96 2.43 5.10
N PRO A 34 4.12 2.82 4.10
CA PRO A 34 3.53 4.14 4.10
C PRO A 34 2.41 4.24 5.13
N GLU A 35 2.28 5.43 5.70
CA GLU A 35 1.25 5.67 6.70
C GLU A 35 -0.12 5.22 6.17
N GLY A 36 -0.88 4.60 7.07
CA GLY A 36 -2.20 4.12 6.70
C GLY A 36 -2.21 3.54 5.29
N PHE A 37 -1.29 2.61 5.06
CA PHE A 37 -1.18 1.97 3.76
C PHE A 37 -2.37 1.04 3.51
N GLN A 38 -2.69 0.25 4.52
CA GLN A 38 -3.81 -0.68 4.42
C GLN A 38 -3.82 -1.34 3.04
N GLY A 39 -3.02 -2.38 2.92
CA GLY A 39 -2.93 -3.12 1.66
C GLY A 39 -2.30 -4.49 1.88
N ASP A 40 -3.16 -5.49 2.00
CA ASP A 40 -2.71 -6.85 2.20
C ASP A 40 -3.87 -7.82 1.95
N LEU A 41 -3.51 -9.04 1.57
CA LEU A 41 -4.51 -10.06 1.29
C LEU A 41 -5.59 -10.02 2.36
N LYS A 42 -5.15 -9.83 3.61
CA LYS A 42 -6.07 -9.77 4.73
C LYS A 42 -6.86 -8.46 4.66
N LYS A 43 -8.15 -8.59 4.36
CA LYS A 43 -9.02 -7.43 4.27
C LYS A 43 -10.46 -7.90 4.11
N THR A 44 -10.69 -8.64 3.03
CA THR A 44 -12.02 -9.15 2.75
C THR A 44 -13.02 -8.00 2.68
N SER A 45 -13.46 -7.71 1.45
CA SER A 45 -14.42 -6.64 1.24
C SER A 45 -14.85 -6.62 -0.23
N GLY A 46 -16.09 -6.21 -0.44
CA GLY A 46 -16.64 -6.14 -1.79
C GLY A 46 -17.01 -4.69 -2.15
N PRO A 47 -15.99 -3.96 -2.67
CA PRO A 47 -16.19 -2.57 -3.06
C PRO A 47 -16.98 -2.48 -4.37
N SER A 48 -18.27 -2.22 -4.24
CA SER A 48 -19.15 -2.11 -5.39
C SER A 48 -18.43 -1.35 -6.51
N SER A 49 -18.02 -0.13 -6.19
CA SER A 49 -17.33 0.70 -7.16
C SER A 49 -18.13 0.76 -8.46
N GLY A 50 -19.00 1.76 -8.54
CA GLY A 50 -19.82 1.95 -9.72
C GLY A 50 -20.62 3.26 -9.63
N GLY A 1 -4.93 6.33 12.88
CA GLY A 1 -5.26 7.31 13.90
C GLY A 1 -5.71 8.62 13.28
N SER A 2 -4.88 9.64 13.43
CA SER A 2 -5.20 10.95 12.88
C SER A 2 -5.54 10.84 11.40
N SER A 3 -6.47 11.68 10.97
CA SER A 3 -6.88 11.69 9.57
C SER A 3 -6.01 12.65 8.76
N GLY A 4 -5.58 12.17 7.61
CA GLY A 4 -4.75 12.98 6.73
C GLY A 4 -5.12 12.76 5.27
N SER A 5 -4.22 13.18 4.39
CA SER A 5 -4.44 13.03 2.97
C SER A 5 -4.43 11.56 2.57
N SER A 6 -5.23 11.24 1.56
CA SER A 6 -5.32 9.87 1.08
C SER A 6 -4.02 9.47 0.38
N GLY A 7 -3.58 8.25 0.67
CA GLY A 7 -2.36 7.74 0.08
C GLY A 7 -2.65 6.58 -0.88
N ARG A 8 -1.75 6.40 -1.83
CA ARG A 8 -1.90 5.35 -2.82
C ARG A 8 -0.59 4.57 -2.96
N TRP A 9 -0.57 3.40 -2.33
CA TRP A 9 0.61 2.56 -2.38
C TRP A 9 0.14 1.11 -2.58
N VAL A 10 1.04 0.29 -3.08
CA VAL A 10 0.74 -1.11 -3.33
C VAL A 10 1.95 -1.97 -2.93
N GLU A 11 1.66 -3.05 -2.22
CA GLU A 11 2.70 -3.95 -1.77
C GLU A 11 2.99 -5.00 -2.85
N GLY A 12 4.22 -4.99 -3.32
CA GLY A 12 4.65 -5.92 -4.34
C GLY A 12 5.90 -6.69 -3.91
N ILE A 13 6.65 -7.15 -4.90
CA ILE A 13 7.87 -7.89 -4.64
C ILE A 13 8.91 -7.54 -5.71
N THR A 14 10.17 -7.62 -5.30
CA THR A 14 11.27 -7.32 -6.20
C THR A 14 12.29 -8.46 -6.21
N SER A 15 13.44 -8.18 -6.79
CA SER A 15 14.50 -9.16 -6.87
C SER A 15 14.58 -9.97 -5.57
N GLU A 16 14.73 -11.27 -5.72
CA GLU A 16 14.80 -12.17 -4.58
C GLU A 16 13.40 -12.46 -4.04
N GLY A 17 12.79 -11.43 -3.45
CA GLY A 17 11.46 -11.57 -2.89
C GLY A 17 11.24 -10.56 -1.77
N TYR A 18 11.68 -9.34 -2.01
CA TYR A 18 11.53 -8.28 -1.03
C TYR A 18 10.17 -7.59 -1.16
N HIS A 19 9.43 -7.58 -0.07
CA HIS A 19 8.11 -6.96 -0.05
C HIS A 19 8.26 -5.45 0.09
N TYR A 20 8.17 -4.77 -1.04
CA TYR A 20 8.29 -3.32 -1.06
C TYR A 20 6.96 -2.66 -1.43
N TYR A 21 6.90 -1.36 -1.20
CA TYR A 21 5.70 -0.60 -1.51
C TYR A 21 5.98 0.46 -2.58
N TYR A 22 5.12 0.47 -3.59
CA TYR A 22 5.26 1.42 -4.67
C TYR A 22 4.20 2.53 -4.57
N ASP A 23 4.41 3.57 -5.37
CA ASP A 23 3.49 4.70 -5.37
C ASP A 23 2.98 4.92 -6.80
N LEU A 24 1.66 4.95 -6.93
CA LEU A 24 1.04 5.16 -8.22
C LEU A 24 0.82 6.65 -8.45
N ILE A 25 0.67 7.37 -7.35
CA ILE A 25 0.46 8.81 -7.42
C ILE A 25 1.30 9.39 -8.55
N SER A 26 2.61 9.34 -8.35
CA SER A 26 3.54 9.86 -9.34
C SER A 26 4.48 8.75 -9.81
N GLY A 27 4.88 7.91 -8.86
CA GLY A 27 5.78 6.81 -9.15
C GLY A 27 6.96 6.78 -8.18
N ALA A 28 6.61 6.77 -6.90
CA ALA A 28 7.63 6.75 -5.86
C ALA A 28 7.80 5.31 -5.35
N SER A 29 8.82 5.12 -4.53
CA SER A 29 9.10 3.81 -3.96
C SER A 29 9.75 3.96 -2.58
N GLN A 30 9.46 2.99 -1.74
CA GLN A 30 10.01 2.99 -0.38
C GLN A 30 9.90 1.60 0.24
N TRP A 31 10.86 1.29 1.10
CA TRP A 31 10.88 0.01 1.77
C TRP A 31 9.88 0.05 2.92
N GLU A 32 10.16 0.93 3.87
CA GLU A 32 9.29 1.08 5.03
C GLU A 32 7.84 1.27 4.57
N LYS A 33 6.93 1.18 5.54
CA LYS A 33 5.52 1.35 5.26
C LYS A 33 5.15 2.83 5.35
N PRO A 34 4.42 3.30 4.30
CA PRO A 34 4.00 4.69 4.25
C PRO A 34 2.86 4.95 5.22
N GLU A 35 2.89 6.14 5.83
CA GLU A 35 1.87 6.53 6.78
C GLU A 35 0.53 6.73 6.07
N GLY A 36 -0.01 5.63 5.57
CA GLY A 36 -1.29 5.68 4.88
C GLY A 36 -1.37 4.57 3.83
N PHE A 37 -0.96 3.37 4.24
CA PHE A 37 -0.99 2.23 3.34
C PHE A 37 -2.29 1.45 3.52
N GLN A 38 -2.55 1.06 4.75
CA GLN A 38 -3.75 0.29 5.06
C GLN A 38 -3.69 -1.08 4.40
N GLY A 39 -3.09 -2.02 5.12
CA GLY A 39 -2.97 -3.38 4.60
C GLY A 39 -3.20 -4.40 5.72
N ASP A 40 -3.51 -5.62 5.30
CA ASP A 40 -3.76 -6.69 6.25
C ASP A 40 -4.84 -6.26 7.23
N LEU A 41 -6.05 -6.76 7.00
CA LEU A 41 -7.18 -6.43 7.86
C LEU A 41 -7.50 -4.94 7.73
N LYS A 42 -8.73 -4.67 7.34
CA LYS A 42 -9.18 -3.30 7.16
C LYS A 42 -8.35 -2.64 6.06
N LYS A 43 -8.55 -3.12 4.85
CA LYS A 43 -7.83 -2.58 3.70
C LYS A 43 -8.39 -1.19 3.36
N THR A 44 -9.64 -1.18 2.92
CA THR A 44 -10.29 0.07 2.56
C THR A 44 -11.81 -0.11 2.57
N SER A 45 -12.49 0.89 3.12
CA SER A 45 -13.94 0.86 3.20
C SER A 45 -14.49 2.28 3.22
N GLY A 46 -15.80 2.38 3.02
CA GLY A 46 -16.46 3.68 3.02
C GLY A 46 -16.74 4.14 1.58
N PRO A 47 -16.62 5.48 1.39
CA PRO A 47 -16.86 6.07 0.08
C PRO A 47 -15.69 5.79 -0.87
N SER A 48 -16.03 5.42 -2.09
CA SER A 48 -15.03 5.12 -3.09
C SER A 48 -15.62 5.26 -4.50
N SER A 49 -15.48 6.47 -5.04
CA SER A 49 -16.00 6.75 -6.37
C SER A 49 -17.42 6.19 -6.51
N GLY A 50 -18.36 6.92 -5.92
CA GLY A 50 -19.76 6.52 -5.96
C GLY A 50 -20.57 7.26 -4.91
N GLY A 1 -15.10 11.85 6.94
CA GLY A 1 -13.98 10.94 7.13
C GLY A 1 -13.42 10.48 5.79
N SER A 2 -14.22 9.69 5.08
CA SER A 2 -13.81 9.18 3.79
C SER A 2 -13.63 10.33 2.80
N SER A 3 -12.93 10.03 1.72
CA SER A 3 -12.68 11.02 0.69
C SER A 3 -11.84 12.16 1.26
N GLY A 4 -10.76 12.48 0.55
CA GLY A 4 -9.86 13.54 0.98
C GLY A 4 -8.41 13.20 0.63
N SER A 5 -7.53 13.45 1.59
CA SER A 5 -6.12 13.18 1.40
C SER A 5 -5.79 11.76 1.85
N SER A 6 -5.68 10.87 0.87
CA SER A 6 -5.37 9.49 1.15
C SER A 6 -4.15 9.04 0.34
N GLY A 7 -3.35 8.17 0.94
CA GLY A 7 -2.16 7.67 0.28
C GLY A 7 -2.51 6.55 -0.71
N ARG A 8 -1.65 6.38 -1.70
CA ARG A 8 -1.86 5.36 -2.71
C ARG A 8 -0.58 4.56 -2.91
N TRP A 9 -0.56 3.36 -2.32
CA TRP A 9 0.58 2.49 -2.44
C TRP A 9 0.07 1.06 -2.68
N VAL A 10 0.99 0.20 -3.11
CA VAL A 10 0.65 -1.18 -3.38
C VAL A 10 1.83 -2.08 -3.01
N GLU A 11 1.54 -3.07 -2.18
CA GLU A 11 2.57 -4.00 -1.74
C GLU A 11 2.74 -5.11 -2.77
N GLY A 12 3.98 -5.27 -3.22
CA GLY A 12 4.31 -6.29 -4.20
C GLY A 12 5.60 -7.02 -3.83
N ILE A 13 6.45 -7.20 -4.84
CA ILE A 13 7.71 -7.88 -4.63
C ILE A 13 8.75 -7.32 -5.62
N THR A 14 10.00 -7.61 -5.32
CA THR A 14 11.09 -7.14 -6.17
C THR A 14 11.87 -8.34 -6.73
N SER A 15 13.02 -8.03 -7.32
CA SER A 15 13.86 -9.06 -7.89
C SER A 15 13.99 -10.24 -6.93
N GLU A 16 14.93 -10.11 -6.01
CA GLU A 16 15.16 -11.15 -5.02
C GLU A 16 13.84 -11.74 -4.55
N GLY A 17 13.00 -10.88 -3.98
CA GLY A 17 11.71 -11.30 -3.49
C GLY A 17 11.35 -10.58 -2.19
N TYR A 18 11.61 -9.28 -2.17
CA TYR A 18 11.31 -8.47 -1.01
C TYR A 18 9.99 -7.74 -1.15
N HIS A 19 9.22 -7.74 -0.08
CA HIS A 19 7.93 -7.07 -0.08
C HIS A 19 8.11 -5.56 0.07
N TYR A 20 8.07 -4.88 -1.07
CA TYR A 20 8.24 -3.44 -1.09
C TYR A 20 6.91 -2.74 -1.40
N TYR A 21 6.93 -1.42 -1.24
CA TYR A 21 5.74 -0.62 -1.51
C TYR A 21 6.02 0.42 -2.59
N TYR A 22 5.10 0.49 -3.54
CA TYR A 22 5.23 1.44 -4.63
C TYR A 22 4.21 2.58 -4.50
N ASP A 23 4.39 3.59 -5.34
CA ASP A 23 3.49 4.74 -5.33
C ASP A 23 2.97 4.98 -6.74
N LEU A 24 1.64 5.03 -6.85
CA LEU A 24 1.02 5.26 -8.15
C LEU A 24 0.81 6.76 -8.34
N ILE A 25 0.67 7.47 -7.23
CA ILE A 25 0.47 8.90 -7.27
C ILE A 25 1.32 9.49 -8.40
N SER A 26 2.63 9.43 -8.22
CA SER A 26 3.54 9.96 -9.21
C SER A 26 4.48 8.85 -9.69
N GLY A 27 4.88 8.00 -8.76
CA GLY A 27 5.77 6.90 -9.07
C GLY A 27 6.96 6.86 -8.12
N ALA A 28 6.65 6.84 -6.83
CA ALA A 28 7.68 6.81 -5.81
C ALA A 28 7.88 5.37 -5.33
N SER A 29 8.91 5.19 -4.51
CA SER A 29 9.22 3.87 -3.99
C SER A 29 9.90 4.00 -2.63
N GLN A 30 9.55 3.08 -1.73
CA GLN A 30 10.12 3.09 -0.40
C GLN A 30 9.92 1.72 0.27
N TRP A 31 10.86 1.38 1.14
CA TRP A 31 10.81 0.12 1.84
C TRP A 31 9.80 0.26 3.00
N GLU A 32 10.06 1.24 3.84
CA GLU A 32 9.20 1.50 4.98
C GLU A 32 7.75 1.68 4.52
N LYS A 33 6.84 1.65 5.48
CA LYS A 33 5.43 1.82 5.19
C LYS A 33 5.04 3.28 5.40
N PRO A 34 4.49 3.89 4.30
CA PRO A 34 4.07 5.28 4.36
C PRO A 34 2.76 5.43 5.14
N GLU A 35 2.74 6.45 5.99
CA GLU A 35 1.56 6.71 6.79
C GLU A 35 0.30 6.65 5.93
N GLY A 36 -0.57 5.72 6.30
CA GLY A 36 -1.81 5.54 5.56
C GLY A 36 -2.00 4.09 5.12
N PHE A 37 -1.00 3.59 4.42
CA PHE A 37 -1.04 2.22 3.93
C PHE A 37 -1.53 1.27 5.02
N GLN A 38 -1.86 0.06 4.60
CA GLN A 38 -2.36 -0.95 5.52
C GLN A 38 -2.06 -2.35 4.98
N GLY A 39 -2.57 -2.62 3.79
CA GLY A 39 -2.36 -3.91 3.16
C GLY A 39 -3.70 -4.56 2.79
N ASP A 40 -4.53 -4.75 3.79
CA ASP A 40 -5.84 -5.36 3.58
C ASP A 40 -6.74 -5.02 4.77
N LEU A 41 -7.70 -4.15 4.51
CA LEU A 41 -8.65 -3.75 5.55
C LEU A 41 -10.07 -3.84 5.00
N LYS A 42 -10.34 -3.00 4.00
CA LYS A 42 -11.65 -2.98 3.38
C LYS A 42 -11.50 -2.77 1.87
N LYS A 43 -11.89 -3.80 1.13
CA LYS A 43 -11.80 -3.74 -0.32
C LYS A 43 -13.21 -3.75 -0.91
N THR A 44 -13.90 -4.86 -0.70
CA THR A 44 -15.25 -5.01 -1.21
C THR A 44 -15.29 -4.77 -2.72
N SER A 45 -15.26 -5.88 -3.46
CA SER A 45 -15.29 -5.80 -4.91
C SER A 45 -14.06 -5.04 -5.42
N GLY A 46 -12.94 -5.76 -5.47
CA GLY A 46 -11.70 -5.17 -5.94
C GLY A 46 -11.57 -5.27 -7.46
N PRO A 47 -10.33 -5.03 -7.95
CA PRO A 47 -10.07 -5.10 -9.37
C PRO A 47 -10.01 -6.55 -9.86
N SER A 48 -11.15 -7.02 -10.34
CA SER A 48 -11.24 -8.38 -10.85
C SER A 48 -10.62 -9.35 -9.83
N SER A 49 -11.44 -9.76 -8.88
CA SER A 49 -10.98 -10.68 -7.84
C SER A 49 -12.18 -11.39 -7.21
N GLY A 50 -12.21 -12.70 -7.38
CA GLY A 50 -13.30 -13.50 -6.82
C GLY A 50 -12.83 -14.93 -6.54
N GLY A 1 -16.03 -5.44 1.74
CA GLY A 1 -16.56 -4.32 2.50
C GLY A 1 -16.09 -2.99 1.93
N SER A 2 -15.82 -2.04 2.82
CA SER A 2 -15.36 -0.73 2.42
C SER A 2 -13.99 -0.44 3.01
N SER A 3 -13.19 0.31 2.27
CA SER A 3 -11.86 0.66 2.71
C SER A 3 -11.38 1.92 2.00
N GLY A 4 -10.46 2.61 2.64
CA GLY A 4 -9.91 3.84 2.08
C GLY A 4 -9.03 4.57 3.10
N SER A 5 -7.75 4.63 2.80
CA SER A 5 -6.80 5.30 3.68
C SER A 5 -5.90 6.23 2.87
N SER A 6 -5.77 7.45 3.37
CA SER A 6 -4.94 8.44 2.70
C SER A 6 -3.67 7.79 2.17
N GLY A 7 -3.27 8.22 0.98
CA GLY A 7 -2.09 7.68 0.34
C GLY A 7 -2.44 6.58 -0.65
N ARG A 8 -1.57 6.41 -1.64
CA ARG A 8 -1.78 5.40 -2.66
C ARG A 8 -0.50 4.58 -2.87
N TRP A 9 -0.49 3.40 -2.28
CA TRP A 9 0.66 2.51 -2.39
C TRP A 9 0.14 1.09 -2.61
N VAL A 10 1.03 0.23 -3.09
CA VAL A 10 0.67 -1.15 -3.35
C VAL A 10 1.85 -2.05 -2.98
N GLU A 11 1.54 -3.11 -2.23
CA GLU A 11 2.56 -4.04 -1.80
C GLU A 11 2.81 -5.08 -2.89
N GLY A 12 4.09 -5.24 -3.22
CA GLY A 12 4.48 -6.18 -4.24
C GLY A 12 5.74 -6.96 -3.83
N ILE A 13 6.65 -7.09 -4.76
CA ILE A 13 7.89 -7.81 -4.51
C ILE A 13 9.01 -7.23 -5.38
N THR A 14 10.23 -7.38 -4.91
CA THR A 14 11.38 -6.88 -5.64
C THR A 14 12.17 -8.04 -6.26
N SER A 15 13.37 -7.72 -6.72
CA SER A 15 14.22 -8.71 -7.34
C SER A 15 14.25 -9.98 -6.49
N GLU A 16 15.17 -9.99 -5.54
CA GLU A 16 15.31 -11.13 -4.65
C GLU A 16 13.94 -11.71 -4.29
N GLY A 17 13.12 -10.87 -3.68
CA GLY A 17 11.79 -11.28 -3.28
C GLY A 17 11.36 -10.58 -1.98
N TYR A 18 11.64 -9.29 -1.92
CA TYR A 18 11.30 -8.50 -0.76
C TYR A 18 9.98 -7.74 -0.97
N HIS A 19 9.14 -7.78 0.04
CA HIS A 19 7.86 -7.10 -0.02
C HIS A 19 8.07 -5.59 0.10
N TYR A 20 7.98 -4.91 -1.04
CA TYR A 20 8.16 -3.48 -1.07
C TYR A 20 6.85 -2.77 -1.41
N TYR A 21 6.83 -1.46 -1.17
CA TYR A 21 5.65 -0.67 -1.46
C TYR A 21 5.95 0.38 -2.54
N TYR A 22 5.09 0.42 -3.54
CA TYR A 22 5.24 1.36 -4.63
C TYR A 22 4.26 2.53 -4.49
N ASP A 23 4.48 3.54 -5.32
CA ASP A 23 3.63 4.72 -5.30
C ASP A 23 3.09 4.99 -6.70
N LEU A 24 1.77 5.05 -6.80
CA LEU A 24 1.12 5.30 -8.07
C LEU A 24 0.93 6.80 -8.26
N ILE A 25 0.78 7.49 -7.14
CA ILE A 25 0.59 8.92 -7.16
C ILE A 25 1.40 9.53 -8.31
N SER A 26 2.71 9.45 -8.16
CA SER A 26 3.61 9.98 -9.17
C SER A 26 4.52 8.87 -9.70
N GLY A 27 4.92 7.99 -8.80
CA GLY A 27 5.78 6.87 -9.16
C GLY A 27 6.99 6.78 -8.23
N ALA A 28 6.72 6.96 -6.95
CA ALA A 28 7.77 6.90 -5.94
C ALA A 28 7.91 5.46 -5.44
N SER A 29 8.91 5.26 -4.60
CA SER A 29 9.16 3.94 -4.03
C SER A 29 9.82 4.08 -2.65
N GLN A 30 9.49 3.13 -1.79
CA GLN A 30 10.04 3.14 -0.44
C GLN A 30 9.85 1.77 0.21
N TRP A 31 10.80 1.42 1.06
CA TRP A 31 10.76 0.14 1.76
C TRP A 31 9.79 0.28 2.94
N GLU A 32 10.08 1.26 3.78
CA GLU A 32 9.26 1.51 4.95
C GLU A 32 7.80 1.70 4.54
N LYS A 33 6.93 1.70 5.54
CA LYS A 33 5.50 1.86 5.31
C LYS A 33 5.14 3.33 5.46
N PRO A 34 4.58 3.92 4.36
CA PRO A 34 4.19 5.31 4.37
C PRO A 34 2.89 5.50 5.16
N GLU A 35 2.90 6.50 6.02
CA GLU A 35 1.75 6.80 6.84
C GLU A 35 0.47 6.80 5.98
N GLY A 36 -0.31 5.75 6.15
CA GLY A 36 -1.55 5.60 5.40
C GLY A 36 -1.78 4.14 5.00
N PHE A 37 -0.78 3.58 4.34
CA PHE A 37 -0.85 2.19 3.90
C PHE A 37 -1.45 1.30 4.99
N GLN A 38 -2.05 0.21 4.56
CA GLN A 38 -2.66 -0.73 5.48
C GLN A 38 -2.72 -2.12 4.85
N GLY A 39 -1.67 -2.90 5.12
CA GLY A 39 -1.59 -4.25 4.60
C GLY A 39 -2.02 -5.27 5.65
N ASP A 40 -1.32 -5.25 6.78
CA ASP A 40 -1.63 -6.16 7.86
C ASP A 40 -0.68 -5.88 9.04
N LEU A 41 -1.13 -6.28 10.22
CA LEU A 41 -0.34 -6.07 11.43
C LEU A 41 -0.91 -6.94 12.55
N LYS A 42 -2.07 -6.54 13.03
CA LYS A 42 -2.73 -7.27 14.10
C LYS A 42 -4.15 -7.61 13.68
N LYS A 43 -4.52 -8.87 13.89
CA LYS A 43 -5.85 -9.33 13.54
C LYS A 43 -6.80 -9.06 14.71
N THR A 44 -8.08 -9.02 14.39
CA THR A 44 -9.11 -8.77 15.39
C THR A 44 -8.63 -7.69 16.37
N SER A 45 -8.92 -6.45 16.03
CA SER A 45 -8.53 -5.33 16.86
C SER A 45 -9.55 -5.15 17.99
N GLY A 46 -9.04 -4.78 19.16
CA GLY A 46 -9.88 -4.57 20.32
C GLY A 46 -9.11 -3.86 21.43
N PRO A 47 -9.30 -2.52 21.49
CA PRO A 47 -8.63 -1.71 22.50
C PRO A 47 -9.30 -1.89 23.87
N SER A 48 -8.81 -2.88 24.60
CA SER A 48 -9.34 -3.16 25.92
C SER A 48 -8.32 -3.97 26.73
N SER A 49 -7.86 -5.05 26.12
CA SER A 49 -6.89 -5.91 26.78
C SER A 49 -7.48 -6.48 28.07
N GLY A 50 -7.91 -7.73 27.99
CA GLY A 50 -8.48 -8.40 29.15
C GLY A 50 -9.88 -7.86 29.44
N GLY A 1 -13.21 -0.56 -3.80
CA GLY A 1 -13.43 0.28 -2.63
C GLY A 1 -12.41 -0.02 -1.53
N SER A 2 -12.12 1.00 -0.74
CA SER A 2 -11.17 0.85 0.35
C SER A 2 -11.33 2.01 1.34
N SER A 3 -11.58 1.65 2.59
CA SER A 3 -11.75 2.64 3.63
C SER A 3 -10.59 3.62 3.62
N GLY A 4 -10.90 4.87 3.95
CA GLY A 4 -9.90 5.92 3.97
C GLY A 4 -9.49 6.31 2.55
N SER A 5 -8.62 7.31 2.47
CA SER A 5 -8.13 7.78 1.20
C SER A 5 -7.18 8.97 1.40
N SER A 6 -5.92 8.64 1.64
CA SER A 6 -4.91 9.65 1.85
C SER A 6 -3.67 9.35 1.02
N GLY A 7 -3.22 8.11 1.12
CA GLY A 7 -2.05 7.67 0.39
C GLY A 7 -2.40 6.53 -0.57
N ARG A 8 -1.62 6.44 -1.64
CA ARG A 8 -1.84 5.40 -2.64
C ARG A 8 -0.56 4.60 -2.85
N TRP A 9 -0.52 3.42 -2.26
CA TRP A 9 0.62 2.54 -2.37
C TRP A 9 0.13 1.12 -2.61
N VAL A 10 1.04 0.26 -3.04
CA VAL A 10 0.70 -1.13 -3.29
C VAL A 10 1.88 -2.01 -2.92
N GLU A 11 1.58 -3.09 -2.21
CA GLU A 11 2.61 -4.02 -1.79
C GLU A 11 2.87 -5.07 -2.88
N GLY A 12 4.14 -5.27 -3.18
CA GLY A 12 4.53 -6.24 -4.19
C GLY A 12 5.79 -6.98 -3.77
N ILE A 13 6.70 -7.13 -4.73
CA ILE A 13 7.95 -7.83 -4.48
C ILE A 13 9.03 -7.25 -5.38
N THR A 14 10.27 -7.38 -4.92
CA THR A 14 11.41 -6.88 -5.68
C THR A 14 12.15 -8.03 -6.37
N SER A 15 13.34 -7.71 -6.85
CA SER A 15 14.15 -8.71 -7.53
C SER A 15 14.29 -9.96 -6.66
N GLU A 16 15.15 -9.84 -5.66
CA GLU A 16 15.39 -10.94 -4.74
C GLU A 16 14.06 -11.57 -4.31
N GLY A 17 13.22 -10.74 -3.71
CA GLY A 17 11.92 -11.19 -3.24
C GLY A 17 11.52 -10.47 -1.96
N TYR A 18 11.75 -9.17 -1.95
CA TYR A 18 11.41 -8.35 -0.79
C TYR A 18 10.08 -7.62 -0.99
N HIS A 19 9.28 -7.64 0.06
CA HIS A 19 7.99 -6.98 0.01
C HIS A 19 8.17 -5.46 0.07
N TYR A 20 8.09 -4.84 -1.09
CA TYR A 20 8.26 -3.40 -1.19
C TYR A 20 6.93 -2.73 -1.56
N TYR A 21 6.86 -1.43 -1.26
CA TYR A 21 5.67 -0.66 -1.55
C TYR A 21 5.95 0.41 -2.60
N TYR A 22 5.10 0.43 -3.62
CA TYR A 22 5.24 1.39 -4.70
C TYR A 22 4.20 2.50 -4.59
N ASP A 23 4.43 3.57 -5.32
CA ASP A 23 3.52 4.70 -5.33
C ASP A 23 3.00 4.94 -6.74
N LEU A 24 1.68 4.99 -6.85
CA LEU A 24 1.03 5.20 -8.14
C LEU A 24 0.83 6.70 -8.35
N ILE A 25 0.68 7.42 -7.25
CA ILE A 25 0.48 8.85 -7.31
C ILE A 25 1.32 9.43 -8.44
N SER A 26 2.63 9.37 -8.27
CA SER A 26 3.55 9.88 -9.28
C SER A 26 4.48 8.77 -9.75
N GLY A 27 4.88 7.93 -8.80
CA GLY A 27 5.78 6.82 -9.11
C GLY A 27 6.97 6.81 -8.15
N ALA A 28 6.65 6.80 -6.87
CA ALA A 28 7.69 6.78 -5.85
C ALA A 28 7.89 5.35 -5.36
N SER A 29 8.93 5.16 -4.56
CA SER A 29 9.24 3.86 -4.00
C SER A 29 9.87 4.01 -2.62
N GLN A 30 9.47 3.11 -1.73
CA GLN A 30 9.99 3.13 -0.37
C GLN A 30 9.88 1.74 0.26
N TRP A 31 10.85 1.42 1.10
CA TRP A 31 10.87 0.13 1.77
C TRP A 31 9.87 0.18 2.92
N GLU A 32 10.13 1.09 3.85
CA GLU A 32 9.26 1.25 5.01
C GLU A 32 7.80 1.31 4.57
N LYS A 33 6.92 1.07 5.52
CA LYS A 33 5.49 1.09 5.25
C LYS A 33 4.97 2.53 5.35
N PRO A 34 4.17 2.93 4.32
CA PRO A 34 3.61 4.27 4.30
C PRO A 34 2.46 4.40 5.28
N GLU A 35 2.21 5.63 5.70
CA GLU A 35 1.14 5.91 6.64
C GLU A 35 -0.19 5.40 6.10
N GLY A 36 -0.98 4.82 6.98
CA GLY A 36 -2.28 4.29 6.60
C GLY A 36 -2.22 3.64 5.22
N PHE A 37 -1.26 2.74 5.06
CA PHE A 37 -1.10 2.04 3.79
C PHE A 37 -2.29 1.14 3.49
N GLN A 38 -2.54 0.22 4.43
CA GLN A 38 -3.65 -0.70 4.29
C GLN A 38 -3.58 -1.41 2.93
N GLY A 39 -3.01 -2.60 2.94
CA GLY A 39 -2.87 -3.39 1.73
C GLY A 39 -3.82 -4.59 1.74
N ASP A 40 -3.53 -5.53 2.62
CA ASP A 40 -4.35 -6.72 2.73
C ASP A 40 -4.08 -7.38 4.10
N LEU A 41 -5.09 -7.31 4.96
CA LEU A 41 -4.98 -7.89 6.28
C LEU A 41 -6.38 -8.18 6.82
N LYS A 42 -7.16 -7.10 6.96
CA LYS A 42 -8.52 -7.22 7.46
C LYS A 42 -9.40 -6.18 6.79
N LYS A 43 -10.70 -6.29 7.03
CA LYS A 43 -11.65 -5.37 6.45
C LYS A 43 -12.72 -5.01 7.50
N THR A 44 -13.25 -3.81 7.37
CA THR A 44 -14.27 -3.35 8.30
C THR A 44 -13.69 -3.23 9.71
N SER A 45 -14.38 -2.44 10.53
CA SER A 45 -13.95 -2.24 11.90
C SER A 45 -12.61 -1.48 11.92
N GLY A 46 -12.70 -0.21 12.31
CA GLY A 46 -11.51 0.62 12.38
C GLY A 46 -11.88 2.10 12.35
N PRO A 47 -10.87 2.96 12.68
CA PRO A 47 -11.08 4.40 12.70
C PRO A 47 -11.14 4.96 11.28
N SER A 48 -11.89 6.04 11.13
CA SER A 48 -12.04 6.68 9.83
C SER A 48 -11.80 8.19 9.97
N SER A 49 -10.56 8.58 9.67
CA SER A 49 -10.20 9.99 9.76
C SER A 49 -10.38 10.49 11.18
N GLY A 50 -9.76 11.64 11.46
CA GLY A 50 -9.85 12.24 12.78
C GLY A 50 -8.87 13.39 12.92
N GLY A 1 -1.43 9.07 16.02
CA GLY A 1 -2.64 9.82 15.74
C GLY A 1 -2.63 10.35 14.30
N SER A 2 -3.65 9.95 13.56
CA SER A 2 -3.78 10.37 12.17
C SER A 2 -5.26 10.59 11.82
N SER A 3 -6.03 9.52 11.99
CA SER A 3 -7.46 9.58 11.71
C SER A 3 -7.67 9.94 10.24
N GLY A 4 -8.16 8.96 9.49
CA GLY A 4 -8.42 9.15 8.06
C GLY A 4 -7.24 8.66 7.23
N SER A 5 -7.57 7.89 6.20
CA SER A 5 -6.56 7.35 5.31
C SER A 5 -6.29 8.33 4.17
N SER A 6 -5.03 8.38 3.76
CA SER A 6 -4.64 9.26 2.67
C SER A 6 -3.30 8.80 2.08
N GLY A 7 -3.39 8.23 0.88
CA GLY A 7 -2.20 7.74 0.20
C GLY A 7 -2.54 6.61 -0.76
N ARG A 8 -1.67 6.43 -1.74
CA ARG A 8 -1.87 5.39 -2.74
C ARG A 8 -0.58 4.59 -2.92
N TRP A 9 -0.57 3.41 -2.32
CA TRP A 9 0.59 2.53 -2.42
C TRP A 9 0.09 1.10 -2.64
N VAL A 10 1.00 0.25 -3.08
CA VAL A 10 0.67 -1.14 -3.33
C VAL A 10 1.86 -2.02 -2.98
N GLU A 11 1.59 -3.06 -2.18
CA GLU A 11 2.63 -3.97 -1.78
C GLU A 11 2.83 -5.06 -2.83
N GLY A 12 4.07 -5.24 -3.24
CA GLY A 12 4.40 -6.24 -4.23
C GLY A 12 5.68 -7.00 -3.85
N ILE A 13 6.55 -7.15 -4.84
CA ILE A 13 7.81 -7.85 -4.62
C ILE A 13 8.87 -7.29 -5.56
N THR A 14 10.12 -7.49 -5.20
CA THR A 14 11.24 -7.01 -6.00
C THR A 14 11.98 -8.18 -6.63
N SER A 15 13.14 -7.88 -7.17
CA SER A 15 13.98 -8.89 -7.82
C SER A 15 14.14 -10.09 -6.88
N GLU A 16 15.00 -9.91 -5.88
CA GLU A 16 15.25 -10.97 -4.92
C GLU A 16 13.94 -11.61 -4.47
N GLY A 17 13.08 -10.79 -3.91
CA GLY A 17 11.78 -11.25 -3.44
C GLY A 17 11.40 -10.56 -2.13
N TYR A 18 11.61 -9.26 -2.09
CA TYR A 18 11.29 -8.48 -0.91
C TYR A 18 9.98 -7.73 -1.09
N HIS A 19 9.18 -7.71 -0.03
CA HIS A 19 7.91 -7.03 -0.06
C HIS A 19 8.12 -5.52 0.02
N TYR A 20 8.07 -4.88 -1.15
CA TYR A 20 8.26 -3.45 -1.22
C TYR A 20 6.94 -2.73 -1.54
N TYR A 21 6.92 -1.44 -1.27
CA TYR A 21 5.74 -0.64 -1.52
C TYR A 21 6.01 0.41 -2.60
N TYR A 22 5.10 0.47 -3.57
CA TYR A 22 5.23 1.41 -4.66
C TYR A 22 4.20 2.54 -4.55
N ASP A 23 4.39 3.57 -5.36
CA ASP A 23 3.48 4.70 -5.36
C ASP A 23 2.96 4.94 -6.77
N LEU A 24 1.64 4.99 -6.88
CA LEU A 24 1.01 5.22 -8.17
C LEU A 24 0.81 6.72 -8.39
N ILE A 25 0.68 7.42 -7.28
CA ILE A 25 0.48 8.87 -7.32
C ILE A 25 1.33 9.45 -8.46
N SER A 26 2.64 9.38 -8.28
CA SER A 26 3.56 9.90 -9.27
C SER A 26 4.49 8.78 -9.74
N GLY A 27 4.88 7.95 -8.80
CA GLY A 27 5.78 6.84 -9.10
C GLY A 27 6.97 6.81 -8.14
N ALA A 28 6.65 6.80 -6.87
CA ALA A 28 7.68 6.77 -5.84
C ALA A 28 7.87 5.34 -5.34
N SER A 29 8.89 5.16 -4.52
CA SER A 29 9.18 3.84 -3.96
C SER A 29 9.86 3.98 -2.60
N GLN A 30 9.52 3.06 -1.71
CA GLN A 30 10.08 3.07 -0.37
C GLN A 30 9.90 1.70 0.29
N TRP A 31 10.86 1.37 1.14
CA TRP A 31 10.83 0.10 1.85
C TRP A 31 9.83 0.22 3.01
N GLU A 32 10.09 1.22 3.85
CA GLU A 32 9.23 1.47 4.99
C GLU A 32 7.77 1.62 4.55
N LYS A 33 6.89 1.60 5.53
CA LYS A 33 5.47 1.73 5.26
C LYS A 33 5.05 3.19 5.47
N PRO A 34 4.45 3.77 4.39
CA PRO A 34 4.00 5.16 4.45
C PRO A 34 2.73 5.30 5.28
N GLU A 35 2.75 6.26 6.19
CA GLU A 35 1.61 6.50 7.05
C GLU A 35 0.32 6.52 6.24
N GLY A 36 -0.51 5.51 6.47
CA GLY A 36 -1.77 5.40 5.77
C GLY A 36 -1.96 3.98 5.21
N PHE A 37 -0.94 3.50 4.54
CA PHE A 37 -0.98 2.17 3.95
C PHE A 37 -1.64 1.17 4.91
N GLN A 38 -1.01 1.01 6.06
CA GLN A 38 -1.51 0.09 7.06
C GLN A 38 -1.89 -1.25 6.42
N GLY A 39 -0.87 -2.01 6.06
CA GLY A 39 -1.10 -3.30 5.44
C GLY A 39 -1.46 -4.36 6.48
N ASP A 40 -1.79 -5.54 5.98
CA ASP A 40 -2.16 -6.65 6.86
C ASP A 40 -1.04 -6.88 7.87
N LEU A 41 -1.44 -7.02 9.13
CA LEU A 41 -0.48 -7.24 10.20
C LEU A 41 -1.20 -7.89 11.38
N LYS A 42 -0.49 -8.81 12.02
CA LYS A 42 -1.05 -9.52 13.17
C LYS A 42 -2.34 -10.23 12.75
N LYS A 43 -2.76 -11.17 13.58
CA LYS A 43 -3.96 -11.93 13.32
C LYS A 43 -4.98 -11.68 14.43
N THR A 44 -5.68 -10.56 14.31
CA THR A 44 -6.68 -10.19 15.30
C THR A 44 -8.05 -10.75 14.90
N SER A 45 -8.48 -10.39 13.70
CA SER A 45 -9.76 -10.85 13.19
C SER A 45 -10.89 -10.26 14.05
N GLY A 46 -11.04 -10.82 15.24
CA GLY A 46 -12.07 -10.37 16.15
C GLY A 46 -13.43 -10.94 15.76
N PRO A 47 -14.36 -10.98 16.77
CA PRO A 47 -15.70 -11.50 16.53
C PRO A 47 -16.54 -10.49 15.76
N SER A 48 -16.52 -9.26 16.23
CA SER A 48 -17.28 -8.20 15.59
C SER A 48 -18.76 -8.32 15.96
N SER A 49 -19.33 -9.46 15.63
CA SER A 49 -20.73 -9.71 15.92
C SER A 49 -20.90 -11.12 16.50
N GLY A 50 -21.67 -11.20 17.57
CA GLY A 50 -21.91 -12.48 18.22
C GLY A 50 -23.34 -12.53 18.78
N GLY A 1 -7.94 -2.12 10.24
CA GLY A 1 -8.58 -0.97 9.65
C GLY A 1 -7.66 0.26 9.65
N SER A 2 -7.87 1.12 8.68
CA SER A 2 -7.07 2.33 8.56
C SER A 2 -7.96 3.57 8.68
N SER A 3 -7.35 4.64 9.16
CA SER A 3 -8.08 5.89 9.34
C SER A 3 -7.94 6.75 8.08
N GLY A 4 -8.95 6.67 7.23
CA GLY A 4 -8.96 7.43 5.99
C GLY A 4 -8.08 6.77 4.93
N SER A 5 -8.09 7.36 3.74
CA SER A 5 -7.31 6.83 2.64
C SER A 5 -6.93 7.96 1.68
N SER A 6 -5.77 8.55 1.95
CA SER A 6 -5.28 9.64 1.12
C SER A 6 -4.07 9.18 0.32
N GLY A 7 -3.29 8.29 0.92
CA GLY A 7 -2.10 7.76 0.27
C GLY A 7 -2.46 6.65 -0.71
N ARG A 8 -1.59 6.47 -1.69
CA ARG A 8 -1.80 5.44 -2.69
C ARG A 8 -0.52 4.61 -2.90
N TRP A 9 -0.52 3.44 -2.29
CA TRP A 9 0.63 2.55 -2.39
C TRP A 9 0.11 1.13 -2.62
N VAL A 10 1.03 0.25 -3.00
CA VAL A 10 0.69 -1.14 -3.25
C VAL A 10 1.87 -2.02 -2.91
N GLU A 11 1.58 -3.12 -2.21
CA GLU A 11 2.61 -4.05 -1.81
C GLU A 11 2.87 -5.06 -2.92
N GLY A 12 4.14 -5.22 -3.25
CA GLY A 12 4.53 -6.16 -4.30
C GLY A 12 5.81 -6.91 -3.91
N ILE A 13 6.72 -6.98 -4.87
CA ILE A 13 7.99 -7.66 -4.65
C ILE A 13 9.07 -7.02 -5.52
N THR A 14 10.31 -7.16 -5.06
CA THR A 14 11.43 -6.60 -5.79
C THR A 14 12.15 -7.68 -6.59
N SER A 15 13.34 -7.33 -7.07
CA SER A 15 14.14 -8.28 -7.85
C SER A 15 14.34 -9.57 -7.06
N GLU A 16 15.16 -9.46 -6.01
CA GLU A 16 15.45 -10.61 -5.17
C GLU A 16 14.15 -11.30 -4.75
N GLY A 17 13.29 -10.52 -4.10
CA GLY A 17 12.01 -11.04 -3.64
C GLY A 17 11.61 -10.41 -2.31
N TYR A 18 11.80 -9.10 -2.24
CA TYR A 18 11.46 -8.36 -1.04
C TYR A 18 10.13 -7.62 -1.20
N HIS A 19 9.31 -7.71 -0.16
CA HIS A 19 8.01 -7.04 -0.17
C HIS A 19 8.20 -5.54 -0.02
N TYR A 20 8.09 -4.84 -1.14
CA TYR A 20 8.24 -3.40 -1.14
C TYR A 20 6.92 -2.71 -1.45
N TYR A 21 6.92 -1.39 -1.29
CA TYR A 21 5.72 -0.61 -1.54
C TYR A 21 5.98 0.45 -2.63
N TYR A 22 5.11 0.46 -3.61
CA TYR A 22 5.23 1.41 -4.71
C TYR A 22 4.21 2.55 -4.57
N ASP A 23 4.40 3.57 -5.39
CA ASP A 23 3.51 4.71 -5.37
C ASP A 23 2.97 4.97 -6.78
N LEU A 24 1.65 5.03 -6.87
CA LEU A 24 1.01 5.28 -8.15
C LEU A 24 0.82 6.77 -8.36
N ILE A 25 0.71 7.48 -7.25
CA ILE A 25 0.53 8.93 -7.28
C ILE A 25 1.37 9.51 -8.42
N SER A 26 2.68 9.42 -8.25
CA SER A 26 3.60 9.93 -9.26
C SER A 26 4.52 8.81 -9.73
N GLY A 27 4.91 7.96 -8.80
CA GLY A 27 5.79 6.85 -9.12
C GLY A 27 7.00 6.82 -8.18
N ALA A 28 6.70 6.80 -6.89
CA ALA A 28 7.74 6.76 -5.88
C ALA A 28 7.89 5.33 -5.36
N SER A 29 8.91 5.13 -4.54
CA SER A 29 9.18 3.83 -3.97
C SER A 29 9.85 3.98 -2.59
N GLN A 30 9.48 3.08 -1.70
CA GLN A 30 10.03 3.10 -0.34
C GLN A 30 9.86 1.72 0.32
N TRP A 31 10.80 1.42 1.19
CA TRP A 31 10.78 0.15 1.90
C TRP A 31 9.81 0.29 3.08
N GLU A 32 10.10 1.24 3.94
CA GLU A 32 9.27 1.48 5.10
C GLU A 32 7.80 1.62 4.69
N LYS A 33 6.94 1.51 5.68
CA LYS A 33 5.51 1.62 5.44
C LYS A 33 5.07 3.07 5.63
N PRO A 34 4.43 3.63 4.56
CA PRO A 34 3.96 5.00 4.61
C PRO A 34 2.69 5.12 5.46
N GLU A 35 2.69 6.13 6.32
CA GLU A 35 1.56 6.37 7.19
C GLU A 35 0.27 6.44 6.38
N GLY A 36 -0.49 5.35 6.43
CA GLY A 36 -1.75 5.27 5.70
C GLY A 36 -1.94 3.89 5.08
N PHE A 37 -0.84 3.33 4.60
CA PHE A 37 -0.88 2.02 3.98
C PHE A 37 -1.63 1.02 4.86
N GLN A 38 -1.94 -0.13 4.28
CA GLN A 38 -2.65 -1.17 4.99
C GLN A 38 -2.58 -2.48 4.22
N GLY A 39 -1.60 -3.29 4.58
CA GLY A 39 -1.41 -4.59 3.94
C GLY A 39 -1.91 -5.72 4.83
N ASP A 40 -2.90 -6.45 4.30
CA ASP A 40 -3.47 -7.56 5.04
C ASP A 40 -3.77 -8.70 4.07
N LEU A 41 -3.98 -9.89 4.64
CA LEU A 41 -4.26 -11.06 3.83
C LEU A 41 -5.68 -11.56 4.18
N LYS A 42 -6.37 -12.04 3.15
CA LYS A 42 -7.71 -12.55 3.32
C LYS A 42 -8.67 -11.38 3.57
N LYS A 43 -9.17 -10.83 2.47
CA LYS A 43 -10.09 -9.71 2.54
C LYS A 43 -10.85 -9.60 1.23
N THR A 44 -12.18 -9.57 1.34
CA THR A 44 -13.03 -9.47 0.17
C THR A 44 -13.23 -8.00 -0.21
N SER A 45 -12.66 -7.62 -1.33
CA SER A 45 -12.77 -6.26 -1.82
C SER A 45 -14.00 -6.12 -2.72
N GLY A 46 -14.28 -4.88 -3.10
CA GLY A 46 -15.42 -4.61 -3.96
C GLY A 46 -14.96 -4.13 -5.34
N PRO A 47 -14.69 -2.79 -5.42
CA PRO A 47 -14.25 -2.20 -6.68
C PRO A 47 -12.79 -2.55 -6.96
N SER A 48 -11.96 -2.34 -5.95
CA SER A 48 -10.54 -2.63 -6.08
C SER A 48 -9.98 -1.95 -7.33
N SER A 49 -9.66 -0.66 -7.19
CA SER A 49 -9.12 0.10 -8.30
C SER A 49 -10.08 0.06 -9.48
N GLY A 50 -9.81 0.91 -10.46
CA GLY A 50 -10.64 0.98 -11.64
C GLY A 50 -9.83 1.46 -12.85
#